data_5N7J
#
_entry.id   5N7J
#
_cell.length_a   59.990
_cell.length_b   97.570
_cell.length_c   115.150
_cell.angle_alpha   90.000
_cell.angle_beta   90.000
_cell.angle_gamma   90.000
#
_symmetry.space_group_name_H-M   'P 2 21 21'
#
loop_
_entity.id
_entity.type
_entity.pdbx_description
1 polymer Amylosucrase
2 branched beta-D-fructofuranose-(2-1)-alpha-D-glucopyranose
3 branched alpha-D-glucopyranose-(1-4)-alpha-D-glucopyranose-(1-4)-alpha-D-glucopyranose
4 non-polymer 2-AMINO-2-HYDROXYMETHYL-PROPANE-1,3-DIOL
5 non-polymer 'PENTAETHYLENE GLYCOL'
6 non-polymer 'TETRAETHYLENE GLYCOL'
7 water water
#
_entity_poly.entity_id   1
_entity_poly.type   'polypeptide(L)'
_entity_poly.pdbx_seq_one_letter_code
;SPNSQYLKTRILDIYTPEQRAGIEKSEDWRQFSRRMDTHFPKLMNELDSVYGNNEALLPMLEMLLAQAWQSYSQRNSSLK
DIDIARENNPDWILSNKQVGGVCYVDLFAGDLKGLKDKIPYFQELGLTYLHLMPLFKCPEGKSDGGYAVSSYRDVNPALG
TIGDLREVIAALHEAGISAVVDFIFNHTSNEHEWAQRCAAGDPLFDNFYYIFPDRRMPDQYDRTLKEVFPDQHPGGFSQL
EDGRWVWTTFNSFQWDLNYSNPWVFRAMAGEMLFLANLGVDILRMDAVIYIWKQMGTSCINLPQAHALIRAFNAVMRIAA
PAVFFKSEAITHPDQVVQYIGQDECQIGYNPLQMALLWNTLATREVNLLHQALTYRHNLPEHTAWVNYVRSHDDIGWTFA
DEDAAYLGISGYDHRQFLNRFFVNRFDGSFARGVPFSYDPSTGDARVSGTAAALVGLAQDDPHAVDRIKLLYSIALSTGG
LPLIYLGDEVGTLNDDDWSQDSNKSDDSRWAHRPRYNEALYAQRNDPSTAAGQIYQDLRHMIAVRQSNPRFDGGRLVTFN
TNNKHIIGYIRNNALLAFGNFSEYPQTVTAHTLQAMPFKAHDLIGGKTVSLNQDLTLQPYQVMWLEIA
;
_entity_poly.pdbx_strand_id   A
#
# COMPACT_ATOMS: atom_id res chain seq x y z
N SER A 1 27.03 20.48 -13.22
CA SER A 1 25.66 20.65 -12.78
C SER A 1 25.40 22.04 -12.20
N PRO A 2 24.15 22.51 -12.28
CA PRO A 2 23.73 23.79 -11.70
C PRO A 2 23.66 23.78 -10.18
N ASN A 3 23.23 24.89 -9.59
CA ASN A 3 23.08 24.96 -8.14
C ASN A 3 21.77 25.64 -7.77
N SER A 4 21.38 25.50 -6.51
CA SER A 4 20.11 26.03 -6.02
C SER A 4 19.93 27.52 -6.29
N GLN A 5 20.98 28.30 -6.06
CA GLN A 5 20.88 29.75 -6.18
C GLN A 5 20.65 30.17 -7.64
N TYR A 6 21.45 29.58 -8.52
CA TYR A 6 21.29 29.82 -9.96
C TYR A 6 19.86 29.58 -10.41
N LEU A 7 19.30 28.43 -10.03
CA LEU A 7 17.96 28.04 -10.46
C LEU A 7 16.88 28.98 -9.94
N LYS A 8 17.00 29.34 -8.66
CA LYS A 8 16.09 30.28 -8.04
C LYS A 8 16.10 31.66 -8.73
N THR A 9 17.28 32.18 -9.06
CA THR A 9 17.34 33.51 -9.71
C THR A 9 16.66 33.45 -11.08
N ARG A 10 16.73 32.30 -11.74
CA ARG A 10 16.07 32.17 -13.04
C ARG A 10 14.57 31.98 -12.89
N ILE A 11 14.16 31.23 -11.88
CA ILE A 11 12.73 31.08 -11.57
C ILE A 11 12.09 32.48 -11.41
N LEU A 12 12.84 33.39 -10.78
CA LEU A 12 12.31 34.71 -10.47
C LEU A 12 12.28 35.66 -11.67
N ASP A 13 12.93 35.25 -12.75
CA ASP A 13 12.98 36.07 -13.96
C ASP A 13 11.61 36.24 -14.62
N ILE A 14 10.64 35.43 -14.23
CA ILE A 14 9.33 35.58 -14.84
C ILE A 14 8.61 36.84 -14.35
N TYR A 15 9.12 37.43 -13.27
CA TYR A 15 8.45 38.59 -12.67
C TYR A 15 9.05 39.92 -13.13
N THR A 16 8.23 40.97 -13.15
CA THR A 16 8.71 42.34 -13.33
C THR A 16 9.61 42.68 -12.15
N PRO A 17 10.51 43.67 -12.30
CA PRO A 17 11.39 44.01 -11.17
C PRO A 17 10.62 44.36 -9.90
N GLU A 18 9.42 44.93 -10.06
CA GLU A 18 8.62 45.34 -8.92
CA GLU A 18 8.60 45.35 -8.94
C GLU A 18 8.01 44.14 -8.22
N GLN A 19 7.36 43.27 -8.99
CA GLN A 19 6.78 42.04 -8.45
C GLN A 19 7.86 41.20 -7.77
N ARG A 20 9.02 41.13 -8.41
CA ARG A 20 10.13 40.30 -7.92
C ARG A 20 10.54 40.64 -6.49
N ALA A 21 10.58 41.93 -6.17
CA ALA A 21 10.89 42.35 -4.80
C ALA A 21 9.83 41.86 -3.83
N GLY A 22 8.56 41.92 -4.22
CA GLY A 22 7.48 41.44 -3.38
C GLY A 22 7.58 39.93 -3.16
N ILE A 23 7.92 39.20 -4.22
CA ILE A 23 8.13 37.77 -4.12
C ILE A 23 9.26 37.41 -3.14
N GLU A 24 10.45 37.98 -3.31
CA GLU A 24 11.58 37.54 -2.52
C GLU A 24 11.44 37.87 -1.04
N LYS A 25 10.63 38.87 -0.74
CA LYS A 25 10.36 39.24 0.63
C LYS A 25 9.36 38.27 1.26
N SER A 26 8.54 37.64 0.41
CA SER A 26 7.39 36.87 0.89
C SER A 26 7.76 35.64 1.70
N GLU A 27 6.85 35.22 2.58
CA GLU A 27 7.07 34.05 3.42
CA GLU A 27 7.09 34.06 3.42
C GLU A 27 7.10 32.78 2.59
N ASP A 28 6.26 32.71 1.56
CA ASP A 28 6.21 31.53 0.71
C ASP A 28 7.55 31.33 0.02
N TRP A 29 8.12 32.42 -0.49
CA TRP A 29 9.40 32.32 -1.18
C TRP A 29 10.53 31.97 -0.22
N ARG A 30 10.50 32.53 0.99
CA ARG A 30 11.55 32.21 1.96
C ARG A 30 11.55 30.71 2.28
N GLN A 31 10.38 30.12 2.47
CA GLN A 31 10.27 28.69 2.76
C GLN A 31 10.78 27.86 1.57
N PHE A 32 10.35 28.25 0.38
CA PHE A 32 10.73 27.55 -0.84
C PHE A 32 12.23 27.62 -1.09
N SER A 33 12.79 28.80 -0.85
CA SER A 33 14.21 29.03 -1.08
C SER A 33 15.07 28.22 -0.12
N ARG A 34 14.68 28.12 1.13
CA ARG A 34 15.52 27.32 2.04
C ARG A 34 15.34 25.82 1.75
N ARG A 35 14.13 25.39 1.42
CA ARG A 35 13.89 23.99 1.09
C ARG A 35 14.63 23.60 -0.19
N MET A 36 14.61 24.50 -1.17
CA MET A 36 15.49 24.37 -2.34
C MET A 36 16.94 24.15 -1.92
N ASP A 37 17.50 25.02 -1.08
CA ASP A 37 18.89 24.87 -0.65
C ASP A 37 19.14 23.54 0.06
N THR A 38 18.19 23.12 0.88
CA THR A 38 18.36 21.91 1.66
C THR A 38 18.22 20.64 0.81
N HIS A 39 17.28 20.64 -0.12
CA HIS A 39 16.86 19.41 -0.77
C HIS A 39 17.22 19.32 -2.25
N PHE A 40 17.52 20.44 -2.90
CA PHE A 40 17.89 20.37 -4.32
C PHE A 40 19.13 19.50 -4.61
N PRO A 41 20.16 19.53 -3.75
CA PRO A 41 21.31 18.66 -4.06
C PRO A 41 20.94 17.17 -4.16
N LYS A 42 20.02 16.69 -3.34
CA LYS A 42 19.51 15.33 -3.48
C LYS A 42 18.81 15.14 -4.85
N LEU A 43 17.94 16.07 -5.19
CA LEU A 43 17.20 15.99 -6.46
C LEU A 43 18.16 15.90 -7.63
N MET A 44 19.15 16.77 -7.63
CA MET A 44 20.13 16.83 -8.72
C MET A 44 20.94 15.54 -8.78
N ASN A 45 21.39 15.07 -7.62
CA ASN A 45 22.20 13.87 -7.59
C ASN A 45 21.43 12.64 -8.07
N GLU A 46 20.18 12.51 -7.65
CA GLU A 46 19.38 11.36 -8.05
C GLU A 46 19.11 11.40 -9.54
N LEU A 47 18.74 12.57 -10.06
CA LEU A 47 18.47 12.69 -11.48
C LEU A 47 19.73 12.48 -12.32
N ASP A 48 20.86 12.99 -11.84
CA ASP A 48 22.13 12.79 -12.53
C ASP A 48 22.50 11.31 -12.58
N SER A 49 22.19 10.58 -11.51
CA SER A 49 22.52 9.17 -11.47
C SER A 49 21.70 8.39 -12.49
N VAL A 50 20.52 8.88 -12.84
CA VAL A 50 19.70 8.19 -13.82
C VAL A 50 19.98 8.69 -15.24
N TYR A 51 19.87 10.00 -15.45
CA TYR A 51 19.93 10.56 -16.80
C TYR A 51 21.33 10.97 -17.26
N GLY A 52 22.25 11.15 -16.32
CA GLY A 52 23.62 11.50 -16.65
C GLY A 52 23.71 12.79 -17.46
N ASN A 53 24.46 12.75 -18.56
CA ASN A 53 24.68 13.93 -19.40
C ASN A 53 23.60 14.20 -20.43
N ASN A 54 22.39 13.69 -20.17
CA ASN A 54 21.28 13.88 -21.10
C ASN A 54 21.07 15.37 -21.40
N GLU A 55 21.03 15.70 -22.68
CA GLU A 55 20.81 17.07 -23.11
C GLU A 55 19.57 17.70 -22.48
N ALA A 56 18.52 16.90 -22.26
CA ALA A 56 17.27 17.47 -21.77
C ALA A 56 17.24 17.66 -20.25
N LEU A 57 18.26 17.17 -19.53
CA LEU A 57 18.19 17.18 -18.05
C LEU A 57 18.06 18.58 -17.45
N LEU A 58 18.95 19.49 -17.81
CA LEU A 58 18.87 20.85 -17.26
C LEU A 58 17.58 21.59 -17.70
N PRO A 59 17.22 21.58 -19.00
CA PRO A 59 15.94 22.23 -19.33
C PRO A 59 14.74 21.63 -18.58
N MET A 60 14.72 20.31 -18.43
CA MET A 60 13.62 19.66 -17.74
C MET A 60 13.58 20.13 -16.29
N LEU A 61 14.74 20.16 -15.66
CA LEU A 61 14.86 20.54 -14.27
C LEU A 61 14.38 21.97 -14.05
N GLU A 62 14.78 22.87 -14.93
CA GLU A 62 14.34 24.26 -14.81
C GLU A 62 12.84 24.38 -14.99
N MET A 63 12.29 23.65 -15.95
CA MET A 63 10.86 23.67 -16.17
C MET A 63 10.12 23.14 -14.93
N LEU A 64 10.63 22.02 -14.39
CA LEU A 64 10.03 21.39 -13.22
C LEU A 64 10.06 22.30 -12.00
N LEU A 65 11.20 22.93 -11.74
CA LEU A 65 11.33 23.73 -10.51
C LEU A 65 10.54 25.05 -10.62
N ALA A 66 10.36 25.54 -11.84
CA ALA A 66 9.48 26.69 -12.06
C ALA A 66 8.05 26.29 -11.71
N GLN A 67 7.66 25.10 -12.15
CA GLN A 67 6.34 24.56 -11.82
C GLN A 67 6.20 24.27 -10.30
N ALA A 68 7.28 23.76 -9.70
CA ALA A 68 7.30 23.53 -8.25
C ALA A 68 7.07 24.83 -7.47
N TRP A 69 7.70 25.92 -7.89
CA TRP A 69 7.47 27.20 -7.23
C TRP A 69 6.01 27.63 -7.39
N GLN A 70 5.50 27.58 -8.61
CA GLN A 70 4.11 28.00 -8.85
C GLN A 70 3.17 27.17 -7.98
N SER A 71 3.42 25.88 -7.95
CA SER A 71 2.61 24.97 -7.15
C SER A 71 2.68 25.35 -5.66
N TYR A 72 3.88 25.55 -5.12
CA TYR A 72 3.96 25.87 -3.69
C TYR A 72 3.36 27.24 -3.40
N SER A 73 3.52 28.17 -4.33
CA SER A 73 2.94 29.49 -4.19
C SER A 73 1.42 29.38 -4.07
N GLN A 74 0.83 28.55 -4.91
CA GLN A 74 -0.62 28.36 -4.94
C GLN A 74 -1.14 27.51 -3.77
N ARG A 75 -0.26 26.69 -3.19
CA ARG A 75 -0.65 25.76 -2.13
C ARG A 75 -1.37 26.46 -0.98
N ASN A 76 -2.51 25.93 -0.54
CA ASN A 76 -3.27 26.71 0.44
C ASN A 76 -2.63 26.65 1.83
N SER A 77 -2.98 27.63 2.64
CA SER A 77 -2.29 27.88 3.89
C SER A 77 -2.37 26.72 4.86
N SER A 78 -3.51 26.02 4.86
CA SER A 78 -3.73 24.94 5.82
C SER A 78 -2.80 23.77 5.52
N LEU A 79 -2.59 23.49 4.24
CA LEU A 79 -1.67 22.44 3.85
C LEU A 79 -0.24 22.87 4.17
N LYS A 80 0.04 24.17 3.99
CA LYS A 80 1.38 24.68 4.32
C LYS A 80 1.70 24.50 5.80
N ASP A 81 0.68 24.56 6.65
CA ASP A 81 0.85 24.26 8.08
C ASP A 81 1.20 22.79 8.31
N ILE A 82 0.52 21.89 7.58
CA ILE A 82 0.85 20.48 7.67
C ILE A 82 2.28 20.24 7.17
N ASP A 83 2.69 20.96 6.11
CA ASP A 83 4.07 20.89 5.63
C ASP A 83 5.06 21.13 6.78
N ILE A 84 4.87 22.23 7.50
CA ILE A 84 5.76 22.57 8.60
C ILE A 84 5.71 21.52 9.70
N ALA A 85 4.51 21.04 10.00
CA ALA A 85 4.36 20.10 11.11
C ALA A 85 5.08 18.79 10.81
N ARG A 86 4.92 18.28 9.60
CA ARG A 86 5.58 17.02 9.24
C ARG A 86 7.05 17.21 8.97
N GLU A 87 7.43 18.40 8.50
CA GLU A 87 8.85 18.74 8.34
C GLU A 87 9.60 18.60 9.67
N ASN A 88 8.94 18.93 10.77
CA ASN A 88 9.60 18.81 12.07
C ASN A 88 9.12 17.60 12.88
N ASN A 89 8.32 16.75 12.26
CA ASN A 89 7.91 15.49 12.89
C ASN A 89 7.91 14.35 11.88
N PRO A 90 9.11 13.91 11.47
CA PRO A 90 9.21 12.84 10.46
C PRO A 90 8.53 11.55 10.92
N ASP A 91 8.40 11.36 12.22
CA ASP A 91 7.91 10.08 12.76
C ASP A 91 6.40 10.06 12.98
N TRP A 92 5.66 10.99 12.37
CA TRP A 92 4.22 11.03 12.57
C TRP A 92 3.59 9.71 12.08
N ILE A 93 4.19 9.13 11.05
CA ILE A 93 3.77 7.83 10.52
C ILE A 93 3.91 6.66 11.50
N LEU A 94 4.71 6.84 12.55
CA LEU A 94 5.08 5.73 13.42
C LEU A 94 4.26 5.72 14.71
N SER A 95 3.44 6.75 14.91
CA SER A 95 2.60 6.85 16.12
C SER A 95 1.53 5.77 16.18
N ASN A 96 1.30 5.25 17.39
CA ASN A 96 0.26 4.24 17.60
C ASN A 96 -1.12 4.85 17.41
N LYS A 97 -1.17 6.18 17.39
CA LYS A 97 -2.41 6.90 17.12
C LYS A 97 -2.97 6.60 15.73
N GLN A 98 -2.09 6.28 14.79
CA GLN A 98 -2.51 6.04 13.40
C GLN A 98 -3.16 4.67 13.16
N VAL A 99 -4.37 4.69 12.61
CA VAL A 99 -5.02 3.49 12.06
C VAL A 99 -5.69 3.80 10.72
N GLY A 100 -5.39 3.01 9.69
CA GLY A 100 -5.90 3.27 8.36
C GLY A 100 -7.04 2.37 7.88
N GLY A 101 -7.77 2.86 6.88
CA GLY A 101 -8.78 2.07 6.19
C GLY A 101 -8.70 2.32 4.70
N VAL A 102 -9.13 1.36 3.89
CA VAL A 102 -9.18 1.57 2.44
C VAL A 102 -10.53 1.11 1.89
N CYS A 103 -11.09 1.85 0.93
CA CYS A 103 -12.32 1.43 0.27
C CYS A 103 -12.44 1.98 -1.15
N TYR A 104 -13.23 1.31 -1.98
CA TYR A 104 -13.68 1.90 -3.24
C TYR A 104 -14.82 2.87 -2.97
N VAL A 105 -14.71 4.07 -3.52
CA VAL A 105 -15.76 5.07 -3.32
C VAL A 105 -17.09 4.58 -3.87
N ASP A 106 -17.08 4.04 -5.08
CA ASP A 106 -18.33 3.58 -5.67
C ASP A 106 -18.90 2.41 -4.86
N LEU A 107 -18.09 1.40 -4.57
CA LEU A 107 -18.61 0.20 -3.89
C LEU A 107 -19.02 0.48 -2.45
N PHE A 108 -18.26 1.30 -1.75
CA PHE A 108 -18.53 1.53 -0.34
C PHE A 108 -19.59 2.61 -0.10
N ALA A 109 -19.69 3.57 -1.02
CA ALA A 109 -20.51 4.75 -0.73
C ALA A 109 -21.20 5.37 -1.94
N GLY A 110 -21.14 4.73 -3.10
CA GLY A 110 -21.81 5.24 -4.28
C GLY A 110 -21.03 6.31 -5.01
N ASP A 111 -20.84 7.48 -4.40
CA ASP A 111 -20.03 8.51 -5.03
C ASP A 111 -19.30 9.34 -3.97
N LEU A 112 -18.63 10.39 -4.40
CA LEU A 112 -17.83 11.19 -3.48
C LEU A 112 -18.70 11.90 -2.43
N LYS A 113 -19.86 12.40 -2.83
CA LYS A 113 -20.76 13.01 -1.85
C LYS A 113 -21.20 11.97 -0.83
N GLY A 114 -21.47 10.76 -1.30
CA GLY A 114 -21.81 9.66 -0.42
C GLY A 114 -20.67 9.31 0.51
N LEU A 115 -19.43 9.36 0.00
CA LEU A 115 -18.28 9.05 0.83
C LEU A 115 -18.18 10.07 1.96
N LYS A 116 -18.40 11.34 1.63
CA LYS A 116 -18.36 12.41 2.62
C LYS A 116 -19.37 12.15 3.75
N ASP A 117 -20.51 11.58 3.38
CA ASP A 117 -21.55 11.22 4.34
C ASP A 117 -21.14 10.08 5.27
N LYS A 118 -20.15 9.28 4.86
CA LYS A 118 -19.70 8.15 5.67
C LYS A 118 -18.58 8.52 6.64
N ILE A 119 -18.11 9.76 6.59
CA ILE A 119 -17.01 10.20 7.44
C ILE A 119 -17.33 10.06 8.94
N PRO A 120 -18.58 10.37 9.36
CA PRO A 120 -18.88 10.06 10.77
C PRO A 120 -18.67 8.57 11.12
N TYR A 121 -18.95 7.65 10.21
CA TYR A 121 -18.65 6.25 10.50
C TYR A 121 -17.14 6.02 10.64
N PHE A 122 -16.33 6.64 9.78
CA PHE A 122 -14.88 6.46 9.86
C PHE A 122 -14.35 6.97 11.21
N GLN A 123 -14.94 8.06 11.69
CA GLN A 123 -14.58 8.58 13.00
C GLN A 123 -15.01 7.63 14.12
N GLU A 124 -16.19 7.04 13.97
CA GLU A 124 -16.69 6.06 14.91
C GLU A 124 -15.71 4.88 15.00
N LEU A 125 -15.27 4.38 13.85
CA LEU A 125 -14.33 3.27 13.78
C LEU A 125 -12.97 3.65 14.35
N GLY A 126 -12.62 4.93 14.26
CA GLY A 126 -11.35 5.41 14.77
C GLY A 126 -10.25 5.61 13.74
N LEU A 127 -10.61 5.63 12.46
CA LEU A 127 -9.62 5.83 11.40
C LEU A 127 -8.97 7.20 11.45
N THR A 128 -7.69 7.26 11.11
CA THR A 128 -6.95 8.50 11.02
C THR A 128 -6.35 8.63 9.63
N TYR A 129 -6.75 7.73 8.74
CA TYR A 129 -6.03 7.47 7.51
C TYR A 129 -7.04 6.77 6.62
N LEU A 130 -7.30 7.31 5.43
CA LEU A 130 -8.23 6.69 4.52
C LEU A 130 -7.71 6.67 3.08
N HIS A 131 -7.50 5.47 2.56
CA HIS A 131 -7.10 5.31 1.17
C HIS A 131 -8.36 5.15 0.31
N LEU A 132 -8.53 6.06 -0.64
CA LEU A 132 -9.60 5.94 -1.63
C LEU A 132 -9.03 5.36 -2.90
N MET A 133 -9.65 4.28 -3.40
CA MET A 133 -9.21 3.59 -4.61
C MET A 133 -9.35 4.52 -5.86
N PRO A 134 -8.67 4.18 -6.97
CA PRO A 134 -8.50 5.14 -8.07
C PRO A 134 -9.78 5.87 -8.49
N LEU A 135 -9.70 7.19 -8.54
CA LEU A 135 -10.86 8.06 -8.63
C LEU A 135 -11.09 8.63 -10.02
N PHE A 136 -10.08 8.54 -10.86
CA PHE A 136 -10.05 9.38 -12.04
C PHE A 136 -10.52 8.65 -13.30
N LYS A 137 -10.78 9.44 -14.33
CA LYS A 137 -11.36 8.93 -15.58
C LYS A 137 -10.55 7.77 -16.11
N CYS A 138 -11.25 6.73 -16.54
CA CYS A 138 -10.65 5.47 -16.99
C CYS A 138 -11.57 4.84 -18.03
N PRO A 139 -11.09 3.84 -18.79
CA PRO A 139 -11.96 3.27 -19.83
C PRO A 139 -13.22 2.61 -19.26
N GLU A 140 -14.30 2.71 -20.00
CA GLU A 140 -15.56 2.08 -19.63
C GLU A 140 -15.41 0.57 -19.74
N GLY A 141 -15.99 -0.17 -18.79
CA GLY A 141 -15.90 -1.61 -18.83
C GLY A 141 -14.71 -2.18 -18.07
N LYS A 142 -13.60 -2.36 -18.77
CA LYS A 142 -12.40 -2.94 -18.16
C LYS A 142 -11.32 -1.89 -17.99
N SER A 143 -10.95 -1.60 -16.74
CA SER A 143 -9.97 -0.57 -16.46
C SER A 143 -9.05 -1.01 -15.33
N ASP A 144 -9.02 -2.32 -15.08
CA ASP A 144 -8.29 -2.88 -13.95
C ASP A 144 -8.74 -2.17 -12.67
N GLY A 145 -10.05 -2.06 -12.51
CA GLY A 145 -10.63 -1.43 -11.33
C GLY A 145 -10.14 -0.01 -11.15
N GLY A 146 -9.96 0.70 -12.26
CA GLY A 146 -9.55 2.10 -12.24
C GLY A 146 -8.06 2.36 -12.34
N TYR A 147 -7.25 1.30 -12.39
CA TYR A 147 -5.80 1.47 -12.49
C TYR A 147 -5.30 1.70 -13.92
N ALA A 148 -6.21 1.71 -14.89
CA ALA A 148 -5.86 2.19 -16.23
C ALA A 148 -6.38 3.63 -16.37
N VAL A 149 -5.52 4.61 -16.12
CA VAL A 149 -5.98 5.99 -16.03
C VAL A 149 -6.02 6.67 -17.40
N SER A 150 -7.15 7.28 -17.72
CA SER A 150 -7.28 7.98 -19.02
C SER A 150 -7.15 9.50 -18.87
N SER A 151 -7.20 9.99 -17.64
CA SER A 151 -6.89 11.39 -17.37
C SER A 151 -6.56 11.53 -15.89
N TYR A 152 -5.43 12.18 -15.61
CA TYR A 152 -5.00 12.34 -14.23
C TYR A 152 -5.69 13.52 -13.56
N ARG A 153 -6.42 14.30 -14.36
CA ARG A 153 -7.05 15.52 -13.83
C ARG A 153 -8.57 15.42 -13.73
N ASP A 154 -9.18 14.57 -14.54
CA ASP A 154 -10.63 14.46 -14.55
C ASP A 154 -11.14 13.31 -13.68
N VAL A 155 -11.96 13.63 -12.70
CA VAL A 155 -12.60 12.60 -11.87
C VAL A 155 -13.54 11.77 -12.74
N ASN A 156 -13.59 10.46 -12.48
CA ASN A 156 -14.62 9.60 -13.04
C ASN A 156 -15.99 10.20 -12.74
N PRO A 157 -16.71 10.65 -13.80
CA PRO A 157 -17.96 11.39 -13.60
C PRO A 157 -18.99 10.64 -12.73
N ALA A 158 -18.95 9.32 -12.71
CA ALA A 158 -19.83 8.53 -11.84
C ALA A 158 -19.61 8.82 -10.36
N LEU A 159 -18.37 9.20 -10.03
CA LEU A 159 -17.98 9.49 -8.65
C LEU A 159 -18.22 10.94 -8.28
N GLY A 160 -18.24 11.81 -9.29
CA GLY A 160 -18.44 13.22 -9.06
C GLY A 160 -17.44 14.10 -9.79
N THR A 161 -17.08 15.22 -9.17
CA THR A 161 -16.21 16.21 -9.78
C THR A 161 -14.93 16.40 -8.99
N ILE A 162 -13.95 17.04 -9.62
CA ILE A 162 -12.70 17.35 -8.94
C ILE A 162 -12.97 18.27 -7.74
N GLY A 163 -14.04 19.06 -7.83
CA GLY A 163 -14.45 19.90 -6.71
C GLY A 163 -14.99 19.07 -5.54
N ASP A 164 -15.72 18.01 -5.87
CA ASP A 164 -16.20 17.06 -4.87
C ASP A 164 -15.03 16.43 -4.13
N LEU A 165 -13.99 16.04 -4.87
CA LEU A 165 -12.83 15.40 -4.26
C LEU A 165 -12.11 16.34 -3.33
N ARG A 166 -11.87 17.58 -3.78
CA ARG A 166 -11.24 18.59 -2.93
C ARG A 166 -12.05 18.80 -1.62
N GLU A 167 -13.37 18.77 -1.74
CA GLU A 167 -14.23 18.91 -0.56
C GLU A 167 -14.13 17.70 0.37
N VAL A 168 -14.11 16.50 -0.21
CA VAL A 168 -13.98 15.31 0.60
C VAL A 168 -12.66 15.39 1.39
N ILE A 169 -11.59 15.76 0.71
CA ILE A 169 -10.29 15.82 1.36
C ILE A 169 -10.28 16.86 2.48
N ALA A 170 -10.91 18.01 2.25
CA ALA A 170 -11.03 19.01 3.33
C ALA A 170 -11.80 18.43 4.50
N ALA A 171 -12.89 17.73 4.19
CA ALA A 171 -13.77 17.19 5.22
C ALA A 171 -13.07 16.09 6.02
N LEU A 172 -12.30 15.25 5.34
CA LEU A 172 -11.47 14.24 6.00
C LEU A 172 -10.49 14.92 6.98
N HIS A 173 -9.82 15.97 6.51
CA HIS A 173 -8.89 16.71 7.38
C HIS A 173 -9.59 17.29 8.61
N GLU A 174 -10.81 17.82 8.45
CA GLU A 174 -11.56 18.35 9.59
C GLU A 174 -11.91 17.27 10.59
N ALA A 175 -12.04 16.04 10.10
CA ALA A 175 -12.37 14.90 10.93
C ALA A 175 -11.11 14.24 11.51
N GLY A 176 -9.95 14.83 11.25
CA GLY A 176 -8.69 14.29 11.72
C GLY A 176 -8.22 13.05 10.95
N ILE A 177 -8.51 13.01 9.65
CA ILE A 177 -8.17 11.87 8.81
C ILE A 177 -7.31 12.28 7.61
N SER A 178 -6.15 11.64 7.46
CA SER A 178 -5.32 11.88 6.29
C SER A 178 -5.91 11.25 5.02
N ALA A 179 -5.76 11.95 3.91
CA ALA A 179 -6.25 11.47 2.63
C ALA A 179 -5.15 10.75 1.87
N VAL A 180 -5.47 9.53 1.43
CA VAL A 180 -4.50 8.68 0.77
C VAL A 180 -5.05 8.20 -0.59
N VAL A 181 -4.31 8.52 -1.66
CA VAL A 181 -4.76 8.15 -3.00
C VAL A 181 -3.61 7.57 -3.80
N ASP A 182 -3.96 6.91 -4.90
CA ASP A 182 -2.98 6.27 -5.76
C ASP A 182 -2.26 7.26 -6.66
N PHE A 183 -0.94 7.12 -6.72
CA PHE A 183 -0.10 7.73 -7.74
C PHE A 183 0.19 6.66 -8.80
N ILE A 184 -0.60 6.64 -9.87
CA ILE A 184 -0.48 5.58 -10.85
C ILE A 184 0.49 6.03 -11.93
N PHE A 185 1.78 5.84 -11.65
CA PHE A 185 2.84 6.51 -12.41
C PHE A 185 3.70 5.57 -13.25
N ASN A 186 3.42 4.27 -13.22
CA ASN A 186 4.18 3.35 -14.06
C ASN A 186 3.57 3.23 -15.46
N HIS A 187 2.29 3.54 -15.57
CA HIS A 187 1.54 3.30 -16.80
C HIS A 187 0.29 4.14 -16.86
N THR A 188 -0.19 4.39 -18.06
CA THR A 188 -1.50 5.00 -18.27
C THR A 188 -2.38 4.01 -19.04
N SER A 189 -3.66 4.31 -19.14
CA SER A 189 -4.51 3.57 -20.07
C SER A 189 -4.10 3.87 -21.51
N ASN A 190 -4.46 2.97 -22.43
CA ASN A 190 -4.18 3.20 -23.85
C ASN A 190 -5.08 4.25 -24.45
N GLU A 191 -6.07 4.72 -23.69
CA GLU A 191 -6.97 5.76 -24.17
C GLU A 191 -6.57 7.12 -23.59
N HIS A 192 -5.52 7.12 -22.77
CA HIS A 192 -4.99 8.38 -22.24
C HIS A 192 -4.46 9.21 -23.41
N GLU A 193 -4.63 10.53 -23.33
CA GLU A 193 -4.16 11.41 -24.39
C GLU A 193 -2.66 11.22 -24.72
N TRP A 194 -1.82 11.06 -23.70
CA TRP A 194 -0.39 10.90 -23.94
C TRP A 194 -0.14 9.67 -24.79
N ALA A 195 -0.90 8.63 -24.52
CA ALA A 195 -0.72 7.36 -25.20
C ALA A 195 -1.15 7.46 -26.68
N GLN A 196 -2.30 8.10 -26.90
CA GLN A 196 -2.78 8.33 -28.25
C GLN A 196 -1.81 9.17 -29.06
N ARG A 197 -1.36 10.29 -28.47
CA ARG A 197 -0.49 11.20 -29.19
C ARG A 197 0.87 10.58 -29.47
N CYS A 198 1.41 9.85 -28.49
CA CYS A 198 2.70 9.20 -28.68
C CYS A 198 2.66 8.19 -29.84
N ALA A 199 1.62 7.36 -29.85
CA ALA A 199 1.51 6.31 -30.86
C ALA A 199 1.27 6.90 -32.25
N ALA A 200 0.58 8.05 -32.30
CA ALA A 200 0.27 8.73 -33.55
C ALA A 200 1.46 9.52 -34.10
N GLY A 201 2.55 9.54 -33.34
CA GLY A 201 3.78 10.13 -33.82
C GLY A 201 3.91 11.62 -33.54
N ASP A 202 3.12 12.10 -32.58
CA ASP A 202 3.25 13.48 -32.11
C ASP A 202 4.62 13.67 -31.45
N PRO A 203 5.45 14.56 -32.02
CA PRO A 203 6.81 14.80 -31.54
C PRO A 203 6.87 15.17 -30.07
N LEU A 204 5.84 15.87 -29.59
CA LEU A 204 5.79 16.31 -28.21
C LEU A 204 5.74 15.11 -27.25
N PHE A 205 5.18 14.00 -27.73
CA PHE A 205 5.03 12.84 -26.87
C PHE A 205 5.88 11.69 -27.36
N ASP A 206 6.97 12.06 -28.04
CA ASP A 206 7.94 11.08 -28.50
C ASP A 206 8.59 10.38 -27.32
N ASN A 207 8.67 9.05 -27.42
CA ASN A 207 9.34 8.24 -26.41
C ASN A 207 8.70 8.38 -25.03
N PHE A 208 7.38 8.53 -24.98
CA PHE A 208 6.70 8.56 -23.69
C PHE A 208 6.39 7.13 -23.24
N TYR A 209 6.45 6.20 -24.19
CA TYR A 209 6.19 4.79 -23.93
C TYR A 209 7.30 3.95 -24.54
N TYR A 210 7.21 2.62 -24.38
CA TYR A 210 8.14 1.72 -25.05
C TYR A 210 7.44 1.03 -26.20
N ILE A 211 7.66 1.52 -27.42
CA ILE A 211 7.00 0.97 -28.60
C ILE A 211 8.01 0.37 -29.59
N PHE A 212 7.71 -0.83 -30.09
CA PHE A 212 8.65 -1.55 -30.94
C PHE A 212 8.03 -1.91 -32.30
N PRO A 213 8.85 -1.97 -33.36
CA PRO A 213 8.34 -2.23 -34.71
C PRO A 213 7.84 -3.66 -34.92
N ASP A 214 8.35 -4.59 -34.12
CA ASP A 214 8.06 -6.01 -34.30
C ASP A 214 8.33 -6.79 -33.02
N ARG A 215 8.42 -8.11 -33.11
CA ARG A 215 8.66 -8.93 -31.93
C ARG A 215 10.15 -9.14 -31.59
N ARG A 216 11.07 -8.47 -32.28
CA ARG A 216 12.49 -8.75 -32.04
C ARG A 216 12.94 -8.39 -30.60
N MET A 217 12.72 -7.14 -30.19
CA MET A 217 13.05 -6.75 -28.82
C MET A 217 12.08 -7.35 -27.78
N PRO A 218 10.75 -7.33 -28.04
CA PRO A 218 9.83 -7.99 -27.12
C PRO A 218 10.22 -9.44 -26.79
N ASP A 219 10.56 -10.23 -27.81
CA ASP A 219 10.96 -11.62 -27.60
C ASP A 219 12.17 -11.69 -26.70
N GLN A 220 13.14 -10.81 -26.94
CA GLN A 220 14.38 -10.82 -26.16
C GLN A 220 14.11 -10.40 -24.71
N TYR A 221 13.28 -9.38 -24.51
CA TYR A 221 12.88 -9.00 -23.16
C TYR A 221 12.13 -10.13 -22.47
N ASP A 222 11.23 -10.79 -23.20
CA ASP A 222 10.37 -11.80 -22.60
C ASP A 222 11.13 -13.03 -22.11
N ARG A 223 12.40 -13.15 -22.51
CA ARG A 223 13.26 -14.22 -22.00
C ARG A 223 13.41 -14.16 -20.50
N THR A 224 13.32 -12.95 -19.92
CA THR A 224 13.60 -12.80 -18.50
C THR A 224 12.46 -12.13 -17.71
N LEU A 225 11.40 -11.71 -18.39
CA LEU A 225 10.28 -11.10 -17.68
C LEU A 225 9.39 -12.13 -17.00
N LYS A 226 8.93 -11.81 -15.80
CA LYS A 226 7.94 -12.62 -15.09
C LYS A 226 6.55 -12.03 -15.24
N GLU A 227 5.64 -12.82 -15.78
CA GLU A 227 4.30 -12.35 -16.09
C GLU A 227 3.49 -12.00 -14.84
N VAL A 228 2.72 -10.92 -14.93
CA VAL A 228 1.94 -10.46 -13.79
C VAL A 228 0.51 -10.99 -13.86
N PHE A 229 -0.11 -10.81 -15.02
CA PHE A 229 -1.45 -11.33 -15.26
C PHE A 229 -1.37 -12.32 -16.40
N PRO A 230 -0.95 -13.56 -16.11
CA PRO A 230 -0.68 -14.56 -17.16
C PRO A 230 -1.92 -14.94 -17.97
N ASP A 231 -3.12 -14.75 -17.41
CA ASP A 231 -4.36 -15.00 -18.15
C ASP A 231 -4.55 -14.01 -19.29
N GLN A 232 -3.97 -12.83 -19.15
CA GLN A 232 -4.28 -11.70 -20.03
C GLN A 232 -3.49 -11.71 -21.33
N HIS A 233 -2.19 -11.98 -21.24
CA HIS A 233 -1.32 -12.00 -22.41
C HIS A 233 0.01 -12.57 -21.97
N PRO A 234 0.76 -13.16 -22.92
CA PRO A 234 2.12 -13.62 -22.61
C PRO A 234 3.09 -12.45 -22.43
N GLY A 235 4.13 -12.66 -21.61
CA GLY A 235 5.21 -11.69 -21.48
C GLY A 235 4.82 -10.30 -21.05
N GLY A 236 5.54 -9.29 -21.54
CA GLY A 236 5.29 -7.93 -21.11
C GLY A 236 4.85 -6.99 -22.21
N PHE A 237 4.35 -7.52 -23.33
CA PHE A 237 4.05 -6.69 -24.49
C PHE A 237 2.73 -7.02 -25.16
N SER A 238 2.10 -5.99 -25.71
CA SER A 238 0.85 -6.13 -26.43
C SER A 238 0.98 -5.50 -27.82
N GLN A 239 0.19 -5.96 -28.78
CA GLN A 239 0.33 -5.46 -30.15
C GLN A 239 -0.69 -4.37 -30.47
N LEU A 240 -0.21 -3.31 -31.14
CA LEU A 240 -1.09 -2.26 -31.62
C LEU A 240 -1.80 -2.71 -32.89
N GLU A 241 -2.83 -1.95 -33.27
CA GLU A 241 -3.55 -2.27 -34.49
C GLU A 241 -2.67 -2.13 -35.73
N ASP A 242 -1.68 -1.25 -35.69
CA ASP A 242 -0.81 -1.03 -36.86
C ASP A 242 0.34 -2.03 -36.93
N GLY A 243 0.39 -2.98 -35.99
CA GLY A 243 1.38 -4.05 -36.05
C GLY A 243 2.53 -3.91 -35.06
N ARG A 244 2.73 -2.71 -34.54
CA ARG A 244 3.80 -2.46 -33.57
C ARG A 244 3.49 -3.10 -32.23
N TRP A 245 4.49 -3.12 -31.34
CA TRP A 245 4.32 -3.74 -30.03
C TRP A 245 4.68 -2.75 -28.94
N VAL A 246 3.90 -2.74 -27.87
CA VAL A 246 4.13 -1.78 -26.79
C VAL A 246 4.29 -2.52 -25.45
N TRP A 247 5.16 -2.00 -24.59
CA TRP A 247 5.38 -2.59 -23.28
C TRP A 247 4.09 -2.45 -22.45
N THR A 248 3.52 -3.57 -22.05
CA THR A 248 2.33 -3.59 -21.20
C THR A 248 2.55 -4.61 -20.10
N THR A 249 3.13 -4.16 -18.99
CA THR A 249 3.40 -5.07 -17.88
C THR A 249 2.12 -5.73 -17.40
N PHE A 250 1.08 -4.92 -17.29
CA PHE A 250 -0.17 -5.40 -16.72
C PHE A 250 -1.14 -5.75 -17.86
N ASN A 251 -2.36 -5.21 -17.84
CA ASN A 251 -3.30 -5.49 -18.94
C ASN A 251 -2.85 -4.84 -20.24
N SER A 252 -3.40 -5.32 -21.36
CA SER A 252 -3.06 -4.79 -22.67
C SER A 252 -3.42 -3.32 -22.82
N PHE A 253 -4.42 -2.88 -22.07
CA PHE A 253 -4.86 -1.50 -22.12
C PHE A 253 -4.13 -0.62 -21.10
N GLN A 254 -3.05 -1.14 -20.52
CA GLN A 254 -2.20 -0.38 -19.60
C GLN A 254 -0.78 -0.32 -20.17
N TRP A 255 -0.38 0.86 -20.64
CA TRP A 255 0.92 1.02 -21.29
C TRP A 255 1.98 1.63 -20.38
N ASP A 256 3.09 0.92 -20.19
CA ASP A 256 4.16 1.44 -19.34
C ASP A 256 4.78 2.75 -19.85
N LEU A 257 4.79 3.75 -18.96
CA LEU A 257 5.47 5.01 -19.22
C LEU A 257 6.99 4.86 -19.22
N ASN A 258 7.64 5.62 -20.10
CA ASN A 258 9.07 5.47 -20.36
C ASN A 258 9.92 6.45 -19.55
N TYR A 259 10.37 6.02 -18.36
CA TYR A 259 11.14 6.91 -17.50
C TYR A 259 12.57 7.09 -17.98
N SER A 260 12.97 6.42 -19.05
CA SER A 260 14.30 6.71 -19.57
C SER A 260 14.28 8.06 -20.29
N ASN A 261 13.07 8.58 -20.49
CA ASN A 261 12.85 9.92 -21.03
C ASN A 261 12.59 10.91 -19.90
N PRO A 262 13.52 11.85 -19.68
CA PRO A 262 13.37 12.76 -18.54
C PRO A 262 12.09 13.60 -18.60
N TRP A 263 11.53 13.78 -19.79
CA TRP A 263 10.30 14.56 -19.89
C TRP A 263 9.11 13.80 -19.30
N VAL A 264 9.22 12.47 -19.25
CA VAL A 264 8.21 11.66 -18.56
C VAL A 264 8.28 11.87 -17.05
N PHE A 265 9.49 11.94 -16.50
CA PHE A 265 9.65 12.28 -15.09
C PHE A 265 8.98 13.64 -14.79
N ARG A 266 9.26 14.63 -15.63
CA ARG A 266 8.68 15.95 -15.42
C ARG A 266 7.15 15.90 -15.48
N ALA A 267 6.62 15.15 -16.44
CA ALA A 267 5.16 15.02 -16.57
C ALA A 267 4.55 14.44 -15.30
N MET A 268 5.12 13.38 -14.78
CA MET A 268 4.52 12.73 -13.62
C MET A 268 4.80 13.53 -12.35
N ALA A 269 5.94 14.22 -12.28
CA ALA A 269 6.22 15.12 -11.16
C ALA A 269 5.16 16.20 -11.14
N GLY A 270 4.81 16.69 -12.33
CA GLY A 270 3.72 17.64 -12.45
C GLY A 270 2.41 17.12 -11.91
N GLU A 271 2.10 15.87 -12.25
CA GLU A 271 0.91 15.22 -11.70
C GLU A 271 1.00 15.10 -10.18
N MET A 272 2.19 14.79 -9.67
CA MET A 272 2.37 14.67 -8.23
C MET A 272 2.07 15.99 -7.51
N LEU A 273 2.53 17.09 -8.08
CA LEU A 273 2.25 18.41 -7.51
C LEU A 273 0.76 18.71 -7.53
N PHE A 274 0.08 18.28 -8.59
CA PHE A 274 -1.37 18.46 -8.69
C PHE A 274 -2.10 17.76 -7.55
N LEU A 275 -1.80 16.47 -7.34
CA LEU A 275 -2.42 15.73 -6.25
C LEU A 275 -2.03 16.32 -4.89
N ALA A 276 -0.78 16.76 -4.76
CA ALA A 276 -0.34 17.35 -3.49
C ALA A 276 -1.25 18.50 -3.09
N ASN A 277 -1.50 19.39 -4.04
CA ASN A 277 -2.22 20.62 -3.73
C ASN A 277 -3.72 20.38 -3.57
N LEU A 278 -4.19 19.18 -3.93
CA LEU A 278 -5.54 18.76 -3.55
C LEU A 278 -5.62 18.46 -2.05
N GLY A 279 -4.46 18.39 -1.40
CA GLY A 279 -4.41 18.09 0.03
C GLY A 279 -4.16 16.63 0.35
N VAL A 280 -3.79 15.85 -0.66
CA VAL A 280 -3.45 14.44 -0.47
C VAL A 280 -2.28 14.34 0.52
N ASP A 281 -2.44 13.50 1.53
CA ASP A 281 -1.41 13.35 2.55
C ASP A 281 -0.37 12.31 2.17
N ILE A 282 -0.84 11.20 1.60
CA ILE A 282 0.03 10.09 1.25
C ILE A 282 -0.30 9.58 -0.16
N LEU A 283 0.73 9.45 -0.98
CA LEU A 283 0.58 8.93 -2.32
C LEU A 283 0.97 7.46 -2.32
N ARG A 284 0.04 6.60 -2.74
CA ARG A 284 0.38 5.20 -2.92
C ARG A 284 1.13 5.07 -4.24
N MET A 285 2.41 4.73 -4.13
CA MET A 285 3.26 4.60 -5.30
C MET A 285 3.02 3.21 -5.91
N ASP A 286 2.08 3.20 -6.85
CA ASP A 286 1.61 2.00 -7.51
C ASP A 286 2.70 1.39 -8.41
N ALA A 287 2.85 0.07 -8.33
CA ALA A 287 3.80 -0.65 -9.19
C ALA A 287 5.21 -0.04 -9.22
N VAL A 288 5.73 0.38 -8.06
CA VAL A 288 7.04 1.02 -8.01
C VAL A 288 8.17 0.21 -8.61
N ILE A 289 8.08 -1.11 -8.58
CA ILE A 289 9.23 -1.90 -8.93
C ILE A 289 9.46 -1.96 -10.43
N TYR A 290 8.45 -1.55 -11.22
CA TYR A 290 8.50 -1.68 -12.69
C TYR A 290 8.98 -0.46 -13.48
N ILE A 291 9.38 0.61 -12.80
CA ILE A 291 9.54 1.87 -13.54
C ILE A 291 10.89 2.02 -14.25
N TRP A 292 11.73 1.00 -14.19
CA TRP A 292 12.94 0.98 -15.03
C TRP A 292 13.11 -0.39 -15.70
N LYS A 293 13.50 -0.34 -16.97
CA LYS A 293 13.65 -1.54 -17.79
C LYS A 293 15.10 -1.72 -18.20
N GLN A 294 15.57 -2.96 -18.29
CA GLN A 294 16.90 -3.27 -18.82
C GLN A 294 16.94 -4.67 -19.44
N MET A 295 17.23 -4.73 -20.74
CA MET A 295 17.42 -5.98 -21.45
C MET A 295 18.35 -6.93 -20.70
N GLY A 296 17.93 -8.19 -20.59
CA GLY A 296 18.73 -9.18 -19.92
C GLY A 296 18.41 -9.33 -18.44
N THR A 297 17.53 -8.46 -17.93
CA THR A 297 17.12 -8.50 -16.53
C THR A 297 15.62 -8.74 -16.43
N SER A 298 15.14 -8.97 -15.21
CA SER A 298 13.71 -9.14 -15.01
C SER A 298 12.96 -7.81 -15.02
N CYS A 299 13.69 -6.71 -15.22
CA CYS A 299 13.09 -5.38 -15.33
C CYS A 299 12.21 -5.01 -14.13
N ILE A 300 12.62 -5.47 -12.95
CA ILE A 300 12.02 -5.03 -11.69
C ILE A 300 13.12 -4.73 -10.70
N ASN A 301 12.85 -3.83 -9.76
CA ASN A 301 13.78 -3.55 -8.66
C ASN A 301 15.15 -3.05 -9.12
N LEU A 302 15.21 -2.35 -10.25
CA LEU A 302 16.48 -1.91 -10.80
C LEU A 302 16.93 -0.62 -10.10
N PRO A 303 18.24 -0.36 -10.04
CA PRO A 303 18.76 0.79 -9.27
C PRO A 303 18.15 2.13 -9.66
N GLN A 304 17.94 2.34 -10.95
CA GLN A 304 17.36 3.59 -11.44
C GLN A 304 15.93 3.81 -10.91
N ALA A 305 15.17 2.72 -10.75
CA ALA A 305 13.82 2.83 -10.17
C ALA A 305 13.88 3.51 -8.82
N HIS A 306 14.80 3.05 -7.97
CA HIS A 306 14.97 3.60 -6.63
C HIS A 306 15.39 5.06 -6.68
N ALA A 307 16.32 5.38 -7.58
CA ALA A 307 16.80 6.74 -7.71
C ALA A 307 15.67 7.67 -8.17
N LEU A 308 14.84 7.20 -9.09
CA LEU A 308 13.71 7.99 -9.57
C LEU A 308 12.73 8.30 -8.42
N ILE A 309 12.44 7.32 -7.60
CA ILE A 309 11.55 7.57 -6.47
C ILE A 309 12.19 8.55 -5.48
N ARG A 310 13.50 8.42 -5.25
CA ARG A 310 14.18 9.36 -4.38
C ARG A 310 14.17 10.77 -4.98
N ALA A 311 14.15 10.86 -6.31
CA ALA A 311 14.00 12.15 -6.99
C ALA A 311 12.62 12.75 -6.74
N PHE A 312 11.56 11.95 -6.92
CA PHE A 312 10.21 12.37 -6.53
C PHE A 312 10.13 12.85 -5.07
N ASN A 313 10.78 12.12 -4.18
CA ASN A 313 10.76 12.46 -2.76
C ASN A 313 11.28 13.89 -2.56
N ALA A 314 12.43 14.20 -3.15
CA ALA A 314 13.05 15.53 -3.03
C ALA A 314 12.14 16.62 -3.58
N VAL A 315 11.37 16.30 -4.62
CA VAL A 315 10.42 17.28 -5.16
C VAL A 315 9.37 17.63 -4.10
N MET A 316 8.93 16.64 -3.33
CA MET A 316 7.98 16.91 -2.26
C MET A 316 8.63 17.65 -1.08
N ARG A 317 9.88 17.34 -0.76
CA ARG A 317 10.56 18.06 0.31
C ARG A 317 10.63 19.55 -0.03
N ILE A 318 10.66 19.85 -1.33
CA ILE A 318 10.79 21.21 -1.80
C ILE A 318 9.45 21.94 -1.88
N ALA A 319 8.44 21.27 -2.45
CA ALA A 319 7.21 21.97 -2.82
C ALA A 319 5.93 21.47 -2.13
N ALA A 320 6.02 20.37 -1.37
CA ALA A 320 4.88 19.89 -0.59
C ALA A 320 5.35 18.92 0.49
N PRO A 321 6.06 19.46 1.50
CA PRO A 321 6.71 18.62 2.53
C PRO A 321 5.76 17.66 3.25
N ALA A 322 4.46 17.94 3.26
CA ALA A 322 3.50 17.07 3.95
C ALA A 322 3.28 15.75 3.24
N VAL A 323 3.51 15.72 1.93
CA VAL A 323 3.17 14.55 1.11
C VAL A 323 4.17 13.42 1.32
N PHE A 324 3.70 12.33 1.93
CA PHE A 324 4.57 11.17 2.13
C PHE A 324 4.26 10.09 1.10
N PHE A 325 5.15 9.12 0.94
CA PHE A 325 5.00 8.04 -0.03
C PHE A 325 4.75 6.70 0.64
N LYS A 326 3.79 5.94 0.12
CA LYS A 326 3.59 4.55 0.51
C LYS A 326 3.96 3.64 -0.65
N SER A 327 5.05 2.88 -0.50
CA SER A 327 5.50 1.94 -1.53
C SER A 327 4.59 0.73 -1.71
N GLU A 328 4.15 0.49 -2.95
CA GLU A 328 3.54 -0.78 -3.28
C GLU A 328 4.58 -1.65 -4.00
N ALA A 329 5.36 -2.39 -3.23
CA ALA A 329 6.33 -3.32 -3.81
C ALA A 329 6.00 -4.74 -3.35
N ILE A 330 5.37 -5.50 -4.23
CA ILE A 330 5.03 -6.88 -3.95
C ILE A 330 6.05 -7.75 -4.69
N THR A 331 7.13 -8.10 -3.99
CA THR A 331 8.26 -8.78 -4.62
C THR A 331 9.02 -9.53 -3.52
N HIS A 332 10.22 -10.01 -3.82
CA HIS A 332 11.05 -10.68 -2.83
C HIS A 332 11.30 -9.76 -1.63
N PRO A 333 11.18 -10.31 -0.40
CA PRO A 333 11.39 -9.53 0.83
C PRO A 333 12.69 -8.73 0.81
N ASP A 334 13.76 -9.27 0.23
CA ASP A 334 15.03 -8.54 0.16
C ASP A 334 14.88 -7.25 -0.63
N GLN A 335 13.99 -7.29 -1.62
CA GLN A 335 13.79 -6.14 -2.51
C GLN A 335 12.68 -5.22 -1.98
N VAL A 336 11.65 -5.79 -1.33
CA VAL A 336 10.55 -4.99 -0.77
C VAL A 336 11.07 -3.87 0.13
N VAL A 337 12.02 -4.22 0.98
CA VAL A 337 12.45 -3.31 2.04
C VAL A 337 13.34 -2.20 1.48
N GLN A 338 13.96 -2.43 0.32
CA GLN A 338 14.84 -1.42 -0.27
C GLN A 338 14.12 -0.14 -0.74
N TYR A 339 12.80 -0.18 -0.84
CA TYR A 339 12.03 1.02 -1.20
C TYR A 339 11.76 1.92 0.00
N ILE A 340 11.92 1.36 1.18
CA ILE A 340 11.55 2.06 2.39
C ILE A 340 12.73 2.82 2.96
N GLY A 341 12.57 4.13 3.07
CA GLY A 341 13.65 5.00 3.53
C GLY A 341 13.12 6.41 3.63
N GLN A 342 13.69 7.21 4.53
CA GLN A 342 13.19 8.58 4.71
C GLN A 342 13.26 9.37 3.41
N ASP A 343 14.29 9.10 2.60
CA ASP A 343 14.49 9.86 1.38
C ASP A 343 13.91 9.15 0.16
N GLU A 344 13.18 8.07 0.41
CA GLU A 344 12.57 7.31 -0.68
C GLU A 344 11.07 7.14 -0.40
N CYS A 345 10.64 5.95 -0.02
CA CYS A 345 9.26 5.78 0.47
C CYS A 345 9.29 5.66 1.98
N GLN A 346 8.63 6.59 2.67
CA GLN A 346 8.71 6.60 4.14
C GLN A 346 7.96 5.43 4.73
N ILE A 347 6.90 5.00 4.06
CA ILE A 347 6.22 3.77 4.47
C ILE A 347 6.05 2.85 3.26
N GLY A 348 5.74 1.58 3.52
CA GLY A 348 5.51 0.61 2.45
C GLY A 348 4.64 -0.55 2.91
N TYR A 349 3.85 -1.11 2.01
CA TYR A 349 3.11 -2.32 2.32
C TYR A 349 4.09 -3.40 2.81
N ASN A 350 3.60 -4.21 3.73
CA ASN A 350 4.36 -5.30 4.35
C ASN A 350 3.77 -6.63 3.89
N PRO A 351 4.00 -6.99 2.61
CA PRO A 351 3.34 -8.20 2.12
C PRO A 351 3.85 -9.45 2.79
N LEU A 352 5.07 -9.43 3.30
CA LEU A 352 5.60 -10.63 3.96
C LEU A 352 4.80 -10.98 5.21
N GLN A 353 4.56 -9.99 6.06
CA GLN A 353 3.77 -10.25 7.26
C GLN A 353 2.36 -10.68 6.88
N MET A 354 1.78 -10.00 5.89
CA MET A 354 0.41 -10.29 5.47
C MET A 354 0.30 -11.74 4.99
N ALA A 355 1.20 -12.13 4.09
CA ALA A 355 1.11 -13.45 3.50
C ALA A 355 1.37 -14.54 4.55
N LEU A 356 2.26 -14.27 5.49
CA LEU A 356 2.59 -15.25 6.51
C LEU A 356 1.50 -15.37 7.59
N LEU A 357 0.72 -14.32 7.80
CA LEU A 357 -0.47 -14.44 8.65
C LEU A 357 -1.38 -15.53 8.10
N TRP A 358 -1.69 -15.45 6.82
CA TRP A 358 -2.55 -16.45 6.20
C TRP A 358 -1.86 -17.82 6.19
N ASN A 359 -0.56 -17.84 5.87
CA ASN A 359 0.19 -19.10 5.94
C ASN A 359 0.05 -19.78 7.28
N THR A 360 0.14 -19.00 8.35
CA THR A 360 0.15 -19.60 9.68
C THR A 360 -1.24 -20.13 10.08
N LEU A 361 -2.31 -19.49 9.60
CA LEU A 361 -3.66 -20.04 9.81
C LEU A 361 -3.77 -21.43 9.18
N ALA A 362 -3.17 -21.59 8.01
CA ALA A 362 -3.24 -22.82 7.26
C ALA A 362 -2.45 -23.95 7.92
N THR A 363 -1.21 -23.65 8.31
CA THR A 363 -0.31 -24.67 8.83
C THR A 363 -0.42 -24.86 10.35
N ARG A 364 -0.95 -23.82 11.02
CA ARG A 364 -1.00 -23.74 12.49
C ARG A 364 0.39 -23.60 13.10
N GLU A 365 1.41 -23.42 12.27
CA GLU A 365 2.79 -23.34 12.75
C GLU A 365 3.36 -21.96 12.53
N VAL A 366 3.80 -21.31 13.60
CA VAL A 366 4.25 -19.93 13.52
C VAL A 366 5.70 -19.77 13.03
N ASN A 367 6.35 -20.86 12.63
CA ASN A 367 7.78 -20.84 12.28
C ASN A 367 8.17 -19.72 11.32
N LEU A 368 7.53 -19.66 10.14
CA LEU A 368 7.91 -18.66 9.13
C LEU A 368 7.60 -17.24 9.62
N LEU A 369 6.48 -17.08 10.32
CA LEU A 369 6.06 -15.77 10.81
C LEU A 369 7.03 -15.27 11.89
N HIS A 370 7.42 -16.16 12.79
CA HIS A 370 8.39 -15.82 13.83
C HIS A 370 9.70 -15.42 13.18
N GLN A 371 10.11 -16.19 12.18
CA GLN A 371 11.34 -15.89 11.46
C GLN A 371 11.27 -14.48 10.88
N ALA A 372 10.14 -14.15 10.29
CA ALA A 372 9.96 -12.85 9.63
C ALA A 372 9.92 -11.70 10.64
N LEU A 373 9.23 -11.88 11.76
CA LEU A 373 9.13 -10.84 12.77
C LEU A 373 10.48 -10.63 13.46
N THR A 374 11.33 -11.65 13.43
CA THR A 374 12.63 -11.60 14.08
C THR A 374 13.67 -10.92 13.20
N TYR A 375 13.65 -11.21 11.90
CA TYR A 375 14.73 -10.80 11.03
C TYR A 375 14.36 -9.73 9.99
N ARG A 376 13.07 -9.53 9.76
CA ARG A 376 12.65 -8.62 8.68
C ARG A 376 11.64 -7.56 9.10
N HIS A 377 11.43 -7.36 10.39
CA HIS A 377 10.42 -6.39 10.82
C HIS A 377 10.96 -4.98 11.06
N ASN A 378 12.07 -4.86 11.80
CA ASN A 378 12.60 -3.56 12.19
C ASN A 378 13.14 -2.78 11.01
N LEU A 379 12.84 -1.49 10.97
CA LEU A 379 13.13 -0.65 9.80
C LEU A 379 14.05 0.51 10.15
N PRO A 380 14.62 1.18 9.13
CA PRO A 380 15.39 2.38 9.45
C PRO A 380 14.56 3.43 10.19
N GLU A 381 15.24 4.32 10.91
CA GLU A 381 14.60 5.46 11.55
C GLU A 381 13.75 6.26 10.55
N HIS A 382 12.61 6.76 11.03
CA HIS A 382 11.70 7.62 10.27
C HIS A 382 11.02 6.91 9.12
N THR A 383 10.86 5.60 9.26
CA THR A 383 10.08 4.82 8.29
C THR A 383 9.19 3.82 9.03
N ALA A 384 8.21 3.25 8.33
CA ALA A 384 7.30 2.27 8.94
C ALA A 384 6.70 1.34 7.90
N TRP A 385 6.27 0.16 8.36
CA TRP A 385 5.48 -0.71 7.50
C TRP A 385 4.05 -0.24 7.52
N VAL A 386 3.34 -0.57 6.46
CA VAL A 386 1.89 -0.61 6.49
C VAL A 386 1.49 -2.07 6.64
N ASN A 387 0.92 -2.42 7.80
CA ASN A 387 0.54 -3.81 8.08
C ASN A 387 -0.91 -4.06 7.71
N TYR A 388 -1.14 -5.07 6.89
CA TYR A 388 -2.50 -5.36 6.46
C TYR A 388 -2.83 -6.86 6.50
N VAL A 389 -4.13 -7.15 6.38
CA VAL A 389 -4.62 -8.50 6.41
C VAL A 389 -5.15 -8.85 5.03
N ARG A 390 -5.89 -7.92 4.42
CA ARG A 390 -6.30 -8.10 3.04
C ARG A 390 -6.27 -6.77 2.31
N SER A 391 -6.35 -6.82 0.99
CA SER A 391 -6.40 -5.62 0.18
C SER A 391 -7.34 -5.83 -1.00
N HIS A 392 -7.35 -4.88 -1.93
CA HIS A 392 -8.14 -5.03 -3.15
C HIS A 392 -7.56 -6.12 -4.06
N ASP A 393 -6.32 -6.50 -3.81
CA ASP A 393 -5.64 -7.49 -4.63
C ASP A 393 -5.67 -8.88 -4.05
N ASP A 394 -5.39 -9.85 -4.91
CA ASP A 394 -5.10 -11.22 -4.54
C ASP A 394 -4.01 -11.28 -3.48
N ILE A 395 -3.93 -12.42 -2.78
CA ILE A 395 -2.78 -12.74 -1.92
C ILE A 395 -1.69 -13.50 -2.69
N GLY A 396 -0.48 -12.94 -2.71
CA GLY A 396 0.66 -13.66 -3.27
C GLY A 396 1.53 -14.23 -2.15
N TRP A 397 2.09 -15.42 -2.35
CA TRP A 397 2.86 -16.05 -1.29
C TRP A 397 4.34 -15.64 -1.34
N THR A 398 4.58 -14.36 -1.12
CA THR A 398 5.89 -13.79 -1.35
C THR A 398 6.82 -13.89 -0.14
N PHE A 399 6.84 -15.05 0.51
CA PHE A 399 7.90 -15.31 1.48
C PHE A 399 9.17 -15.66 0.70
N ALA A 400 10.33 -15.57 1.34
CA ALA A 400 11.60 -15.86 0.67
C ALA A 400 11.91 -17.36 0.68
N ASP A 401 12.21 -17.91 -0.50
CA ASP A 401 12.56 -19.33 -0.61
C ASP A 401 13.78 -19.66 0.24
N GLU A 402 14.72 -18.72 0.28
CA GLU A 402 15.95 -18.89 1.07
C GLU A 402 15.61 -18.97 2.55
N ASP A 403 14.73 -18.09 3.01
CA ASP A 403 14.27 -18.11 4.40
C ASP A 403 13.64 -19.47 4.74
N ALA A 404 12.69 -19.91 3.91
CA ALA A 404 11.97 -21.16 4.12
C ALA A 404 12.93 -22.34 4.11
N ALA A 405 13.91 -22.31 3.22
CA ALA A 405 14.87 -23.42 3.10
C ALA A 405 15.66 -23.61 4.40
N TYR A 406 15.99 -22.50 5.04
CA TYR A 406 16.68 -22.55 6.31
C TYR A 406 15.85 -23.31 7.36
N LEU A 407 14.54 -23.35 7.17
CA LEU A 407 13.65 -24.07 8.07
C LEU A 407 13.29 -25.45 7.54
N GLY A 408 13.97 -25.89 6.49
CA GLY A 408 13.68 -27.18 5.89
C GLY A 408 12.39 -27.20 5.07
N ILE A 409 11.88 -26.02 4.73
CA ILE A 409 10.68 -25.92 3.91
C ILE A 409 11.02 -25.62 2.45
N SER A 410 10.46 -26.41 1.54
CA SER A 410 10.53 -26.13 0.11
C SER A 410 9.48 -25.12 -0.28
N GLY A 411 9.92 -23.95 -0.72
CA GLY A 411 9.01 -22.89 -1.11
C GLY A 411 8.01 -23.36 -2.15
N TYR A 412 8.50 -23.97 -3.23
CA TYR A 412 7.61 -24.44 -4.28
C TYR A 412 6.52 -25.39 -3.77
N ASP A 413 6.92 -26.43 -3.04
CA ASP A 413 5.96 -27.37 -2.49
C ASP A 413 4.99 -26.70 -1.51
N HIS A 414 5.51 -25.76 -0.73
CA HIS A 414 4.70 -25.11 0.29
C HIS A 414 3.58 -24.27 -0.35
N ARG A 415 3.92 -23.57 -1.42
CA ARG A 415 2.94 -22.77 -2.15
C ARG A 415 1.90 -23.66 -2.81
N GLN A 416 2.32 -24.83 -3.28
CA GLN A 416 1.38 -25.80 -3.85
C GLN A 416 0.33 -26.12 -2.79
N PHE A 417 0.79 -26.36 -1.57
CA PHE A 417 -0.12 -26.59 -0.46
C PHE A 417 -1.03 -25.40 -0.19
N LEU A 418 -0.45 -24.21 -0.03
CA LEU A 418 -1.22 -23.02 0.35
C LEU A 418 -2.29 -22.71 -0.68
N ASN A 419 -1.96 -22.95 -1.94
CA ASN A 419 -2.87 -22.65 -3.03
C ASN A 419 -4.01 -23.67 -3.11
N ARG A 420 -3.75 -24.90 -2.64
N ARG A 420 -3.77 -24.89 -2.63
CA ARG A 420 -4.80 -25.90 -2.51
CA ARG A 420 -4.88 -25.85 -2.55
C ARG A 420 -5.69 -25.56 -1.32
C ARG A 420 -5.71 -25.58 -1.30
N PHE A 421 -5.05 -25.30 -0.18
CA PHE A 421 -5.75 -25.01 1.06
C PHE A 421 -6.73 -23.85 0.92
N PHE A 422 -6.29 -22.73 0.38
CA PHE A 422 -7.12 -21.54 0.49
C PHE A 422 -8.23 -21.45 -0.55
N VAL A 423 -8.26 -22.37 -1.51
CA VAL A 423 -9.37 -22.46 -2.44
C VAL A 423 -10.19 -23.72 -2.20
N ASN A 424 -10.09 -24.24 -0.98
CA ASN A 424 -10.89 -25.38 -0.52
C ASN A 424 -10.64 -26.64 -1.35
N ARG A 425 -9.38 -26.93 -1.64
CA ARG A 425 -9.02 -28.17 -2.32
C ARG A 425 -8.03 -28.96 -1.45
N PHE A 426 -8.24 -28.90 -0.14
CA PHE A 426 -7.44 -29.66 0.81
C PHE A 426 -8.36 -30.12 1.94
N ASP A 427 -8.29 -31.41 2.25
CA ASP A 427 -9.13 -32.01 3.28
C ASP A 427 -9.18 -31.22 4.57
N GLY A 428 -10.38 -30.77 4.95
CA GLY A 428 -10.57 -30.07 6.20
C GLY A 428 -10.47 -28.56 6.16
N SER A 429 -10.06 -27.99 5.02
CA SER A 429 -9.87 -26.53 4.97
C SER A 429 -11.13 -25.75 5.30
N PHE A 430 -10.95 -24.67 6.05
CA PHE A 430 -12.02 -23.75 6.38
C PHE A 430 -12.11 -22.63 5.35
N ALA A 431 -11.17 -22.64 4.41
CA ALA A 431 -11.04 -21.50 3.50
C ALA A 431 -11.97 -21.64 2.30
N ARG A 432 -12.50 -20.52 1.83
CA ARG A 432 -13.38 -20.52 0.67
C ARG A 432 -12.94 -19.43 -0.32
N GLY A 433 -11.66 -19.46 -0.67
CA GLY A 433 -11.11 -18.52 -1.62
C GLY A 433 -11.24 -19.03 -3.05
N VAL A 434 -10.74 -18.23 -3.98
CA VAL A 434 -10.83 -18.48 -5.42
C VAL A 434 -9.45 -18.24 -6.03
N PRO A 435 -9.02 -19.09 -6.96
CA PRO A 435 -7.67 -18.91 -7.53
C PRO A 435 -7.54 -17.61 -8.35
N PHE A 436 -6.32 -17.13 -8.45
CA PHE A 436 -6.03 -16.02 -9.32
C PHE A 436 -4.69 -16.18 -10.00
N SER A 437 -4.68 -15.99 -11.32
CA SER A 437 -3.46 -16.02 -12.11
C SER A 437 -2.62 -17.28 -11.87
N TYR A 438 -3.22 -18.46 -12.03
CA TYR A 438 -2.44 -19.67 -12.10
C TYR A 438 -1.46 -19.54 -13.26
N ASP A 439 -0.21 -19.91 -13.03
CA ASP A 439 0.83 -19.74 -14.03
C ASP A 439 1.49 -21.07 -14.39
N PRO A 440 1.34 -21.50 -15.65
CA PRO A 440 1.85 -22.80 -16.12
C PRO A 440 3.38 -22.81 -16.37
N SER A 441 4.04 -21.66 -16.28
CA SER A 441 5.50 -21.65 -16.43
C SER A 441 6.17 -21.84 -15.07
N THR A 442 5.51 -21.37 -14.00
CA THR A 442 6.08 -21.47 -12.67
C THR A 442 5.33 -22.40 -11.72
N GLY A 443 4.10 -22.76 -12.06
CA GLY A 443 3.24 -23.49 -11.15
C GLY A 443 2.66 -22.56 -10.08
N ASP A 444 2.92 -21.27 -10.22
CA ASP A 444 2.47 -20.28 -9.25
C ASP A 444 0.99 -20.00 -9.37
N ALA A 445 0.40 -19.57 -8.27
CA ALA A 445 -0.94 -19.01 -8.26
C ALA A 445 -1.10 -18.09 -7.07
N ARG A 446 -2.09 -17.22 -7.14
CA ARG A 446 -2.46 -16.37 -6.01
C ARG A 446 -3.90 -16.67 -5.59
N VAL A 447 -4.33 -16.03 -4.51
CA VAL A 447 -5.64 -16.31 -3.91
C VAL A 447 -6.53 -15.07 -3.83
N SER A 448 -7.74 -15.19 -4.36
CA SER A 448 -8.75 -14.15 -4.18
C SER A 448 -9.77 -14.57 -3.12
N GLY A 449 -10.44 -13.59 -2.53
CA GLY A 449 -11.42 -13.83 -1.49
C GLY A 449 -11.27 -12.87 -0.32
N THR A 450 -12.39 -12.51 0.31
CA THR A 450 -12.34 -11.59 1.45
C THR A 450 -11.79 -12.29 2.68
N ALA A 451 -11.31 -11.51 3.65
CA ALA A 451 -10.86 -12.07 4.92
C ALA A 451 -11.88 -13.05 5.52
N ALA A 452 -13.14 -12.63 5.58
CA ALA A 452 -14.19 -13.49 6.15
C ALA A 452 -14.33 -14.80 5.37
N ALA A 453 -14.29 -14.72 4.05
CA ALA A 453 -14.36 -15.92 3.21
C ALA A 453 -13.20 -16.86 3.50
N LEU A 454 -12.01 -16.31 3.73
CA LEU A 454 -10.82 -17.15 3.86
C LEU A 454 -10.71 -17.82 5.24
N VAL A 455 -11.42 -17.29 6.25
CA VAL A 455 -11.35 -17.87 7.60
C VAL A 455 -12.51 -18.83 7.91
N GLY A 456 -13.51 -18.89 7.04
CA GLY A 456 -14.59 -19.84 7.22
C GLY A 456 -15.94 -19.23 7.57
N LEU A 457 -16.08 -17.92 7.45
CA LEU A 457 -17.30 -17.28 7.91
C LEU A 457 -18.48 -17.57 6.98
N ALA A 458 -18.19 -17.80 5.71
CA ALA A 458 -19.24 -18.12 4.73
C ALA A 458 -20.07 -19.33 5.18
N GLN A 459 -19.42 -20.34 5.74
CA GLN A 459 -20.11 -21.53 6.22
C GLN A 459 -20.30 -21.48 7.73
N ASP A 460 -20.09 -20.29 8.29
CA ASP A 460 -20.22 -20.04 9.73
C ASP A 460 -19.43 -21.03 10.58
N ASP A 461 -18.19 -21.25 10.19
CA ASP A 461 -17.22 -21.94 11.02
C ASP A 461 -17.14 -21.21 12.38
N PRO A 462 -17.35 -21.95 13.49
CA PRO A 462 -17.35 -21.33 14.82
C PRO A 462 -16.02 -20.64 15.20
N HIS A 463 -14.95 -20.92 14.46
CA HIS A 463 -13.67 -20.29 14.72
C HIS A 463 -13.44 -19.05 13.87
N ALA A 464 -14.30 -18.82 12.89
CA ALA A 464 -14.09 -17.75 11.91
C ALA A 464 -13.87 -16.38 12.55
N VAL A 465 -14.80 -15.97 13.40
CA VAL A 465 -14.72 -14.65 14.02
C VAL A 465 -13.40 -14.47 14.78
N ASP A 466 -12.99 -15.51 15.52
CA ASP A 466 -11.75 -15.45 16.29
C ASP A 466 -10.52 -15.37 15.41
N ARG A 467 -10.55 -16.08 14.28
CA ARG A 467 -9.46 -15.99 13.30
C ARG A 467 -9.29 -14.57 12.79
N ILE A 468 -10.39 -13.91 12.45
CA ILE A 468 -10.33 -12.53 11.96
C ILE A 468 -9.71 -11.63 13.02
N LYS A 469 -10.14 -11.83 14.26
CA LYS A 469 -9.65 -11.04 15.38
C LYS A 469 -8.15 -11.24 15.56
N LEU A 470 -7.70 -12.49 15.48
CA LEU A 470 -6.29 -12.80 15.64
C LEU A 470 -5.44 -12.12 14.56
N LEU A 471 -5.87 -12.23 13.30
CA LEU A 471 -5.11 -11.68 12.19
C LEU A 471 -4.97 -10.18 12.33
N TYR A 472 -6.08 -9.52 12.60
CA TYR A 472 -6.02 -8.06 12.71
C TYR A 472 -5.26 -7.64 13.96
N SER A 473 -5.26 -8.49 14.99
CA SER A 473 -4.54 -8.12 16.21
C SER A 473 -3.06 -7.95 15.92
N ILE A 474 -2.52 -8.83 15.09
CA ILE A 474 -1.10 -8.79 14.79
C ILE A 474 -0.73 -7.57 13.92
N ALA A 475 -1.57 -7.24 12.94
CA ALA A 475 -1.30 -6.05 12.13
C ALA A 475 -1.41 -4.78 12.99
N LEU A 476 -2.28 -4.80 13.99
CA LEU A 476 -2.52 -3.63 14.84
C LEU A 476 -1.44 -3.45 15.91
N SER A 477 -0.68 -4.50 16.21
CA SER A 477 0.20 -4.41 17.38
C SER A 477 1.69 -4.67 17.13
N THR A 478 2.06 -5.15 15.95
CA THR A 478 3.48 -5.45 15.69
C THR A 478 4.35 -4.20 15.55
N GLY A 479 3.75 -3.09 15.14
CA GLY A 479 4.50 -1.85 14.97
C GLY A 479 4.48 -1.45 13.50
N GLY A 480 3.91 -0.28 13.24
CA GLY A 480 3.68 0.15 11.87
C GLY A 480 2.24 0.62 11.79
N LEU A 481 1.85 1.11 10.62
CA LEU A 481 0.54 1.69 10.43
C LEU A 481 -0.41 0.63 9.88
N PRO A 482 -1.40 0.25 10.68
CA PRO A 482 -2.29 -0.85 10.29
C PRO A 482 -3.34 -0.37 9.31
N LEU A 483 -3.66 -1.21 8.34
CA LEU A 483 -4.60 -0.85 7.31
C LEU A 483 -5.74 -1.86 7.23
N ILE A 484 -6.94 -1.38 7.53
CA ILE A 484 -8.12 -2.22 7.48
C ILE A 484 -8.76 -2.16 6.10
N TYR A 485 -9.04 -3.33 5.52
CA TYR A 485 -9.80 -3.38 4.29
C TYR A 485 -11.27 -3.21 4.64
N LEU A 486 -11.81 -2.03 4.38
CA LEU A 486 -13.14 -1.68 4.91
C LEU A 486 -14.19 -2.67 4.39
N GLY A 487 -15.02 -3.15 5.31
CA GLY A 487 -15.91 -4.27 5.04
C GLY A 487 -15.51 -5.46 5.91
N ASP A 488 -14.20 -5.61 6.14
CA ASP A 488 -13.73 -6.70 6.99
C ASP A 488 -14.26 -6.59 8.41
N GLU A 489 -14.49 -5.36 8.87
CA GLU A 489 -14.84 -5.15 10.28
C GLU A 489 -16.29 -5.53 10.60
N VAL A 490 -17.05 -5.96 9.59
CA VAL A 490 -18.36 -6.57 9.83
C VAL A 490 -18.50 -7.98 9.21
N GLY A 491 -17.39 -8.53 8.73
CA GLY A 491 -17.39 -9.89 8.21
C GLY A 491 -17.95 -10.04 6.80
N THR A 492 -17.74 -9.02 5.97
CA THR A 492 -18.28 -9.02 4.60
C THR A 492 -17.75 -10.21 3.78
N LEU A 493 -18.66 -10.93 3.13
CA LEU A 493 -18.31 -12.10 2.32
C LEU A 493 -17.97 -11.77 0.86
N ASN A 494 -17.53 -12.77 0.09
CA ASN A 494 -17.24 -12.57 -1.33
C ASN A 494 -18.45 -12.06 -2.11
N ASP A 495 -18.19 -11.36 -3.22
N ASP A 495 -18.15 -11.30 -3.17
CA ASP A 495 -19.23 -11.13 -4.20
CA ASP A 495 -19.17 -10.82 -4.12
C ASP A 495 -19.19 -12.28 -5.21
C ASP A 495 -19.81 -12.02 -4.81
N ASP A 496 -20.12 -13.22 -5.12
N ASP A 496 -21.11 -11.92 -5.08
CA ASP A 496 -20.10 -14.38 -6.01
CA ASP A 496 -21.86 -13.08 -5.55
C ASP A 496 -20.67 -14.00 -7.38
C ASP A 496 -22.09 -13.08 -7.07
N ASP A 497 -21.28 -12.82 -7.47
N ASP A 497 -21.61 -12.03 -7.74
CA ASP A 497 -21.78 -12.25 -8.73
CA ASP A 497 -21.96 -11.80 -9.14
C ASP A 497 -20.69 -12.08 -9.80
C ASP A 497 -20.75 -11.75 -10.07
N TRP A 498 -19.49 -11.71 -9.34
N TRP A 498 -19.57 -11.57 -9.50
CA TRP A 498 -18.38 -11.36 -10.22
CA TRP A 498 -18.36 -11.31 -10.29
C TRP A 498 -18.17 -12.34 -11.38
C TRP A 498 -18.13 -12.35 -11.40
N SER A 499 -18.30 -13.63 -11.09
CA SER A 499 -17.91 -14.70 -12.01
C SER A 499 -18.67 -14.72 -13.33
N GLN A 500 -19.88 -14.18 -13.34
CA GLN A 500 -20.68 -14.19 -14.57
C GLN A 500 -20.80 -12.81 -15.21
N ASP A 501 -20.23 -11.80 -14.57
CA ASP A 501 -20.12 -10.46 -15.15
C ASP A 501 -18.98 -10.41 -16.18
N SER A 502 -19.33 -10.25 -17.46
CA SER A 502 -18.34 -10.34 -18.54
C SER A 502 -17.19 -9.33 -18.42
N ASN A 503 -17.43 -8.20 -17.78
CA ASN A 503 -16.35 -7.24 -17.54
C ASN A 503 -15.39 -7.68 -16.43
N LYS A 504 -15.80 -8.68 -15.65
CA LYS A 504 -15.06 -9.08 -14.44
C LYS A 504 -14.63 -10.55 -14.44
N SER A 505 -15.24 -11.35 -15.32
CA SER A 505 -15.19 -12.81 -15.19
C SER A 505 -13.79 -13.40 -15.34
N ASP A 506 -12.87 -12.65 -15.95
CA ASP A 506 -11.50 -13.13 -16.15
C ASP A 506 -10.54 -12.59 -15.10
N ASP A 507 -11.10 -12.04 -14.01
CA ASP A 507 -10.30 -11.39 -12.96
C ASP A 507 -10.94 -11.69 -11.59
N SER A 508 -10.53 -12.77 -10.96
CA SER A 508 -11.16 -13.21 -9.72
C SER A 508 -10.94 -12.26 -8.54
N ARG A 509 -10.09 -11.26 -8.71
CA ARG A 509 -9.90 -10.27 -7.66
C ARG A 509 -11.24 -9.60 -7.32
N TRP A 510 -12.15 -9.56 -8.28
CA TRP A 510 -13.45 -8.96 -8.03
C TRP A 510 -14.27 -9.73 -6.99
N ALA A 511 -13.91 -10.99 -6.75
CA ALA A 511 -14.56 -11.78 -5.69
C ALA A 511 -14.46 -11.10 -4.33
N HIS A 512 -13.31 -10.48 -4.04
CA HIS A 512 -13.14 -9.81 -2.75
C HIS A 512 -13.30 -8.31 -2.86
N ARG A 513 -14.11 -7.88 -3.84
CA ARG A 513 -14.46 -6.46 -3.94
C ARG A 513 -15.97 -6.23 -3.90
N PRO A 514 -16.64 -6.66 -2.80
CA PRO A 514 -18.08 -6.47 -2.68
C PRO A 514 -18.48 -5.05 -2.36
N ARG A 515 -19.76 -4.75 -2.57
CA ARG A 515 -20.36 -3.49 -2.16
C ARG A 515 -20.57 -3.45 -0.65
N TYR A 516 -20.66 -2.24 -0.12
CA TYR A 516 -21.14 -1.98 1.23
C TYR A 516 -22.35 -2.87 1.53
N ASN A 517 -22.24 -3.72 2.54
CA ASN A 517 -23.36 -4.61 2.86
C ASN A 517 -24.22 -3.99 3.94
N GLU A 518 -25.37 -3.46 3.54
CA GLU A 518 -26.25 -2.74 4.46
C GLU A 518 -26.66 -3.58 5.67
N ALA A 519 -27.02 -4.84 5.41
CA ALA A 519 -27.43 -5.76 6.46
C ALA A 519 -26.35 -5.95 7.51
N LEU A 520 -25.11 -6.16 7.07
CA LEU A 520 -24.02 -6.40 8.01
C LEU A 520 -23.71 -5.16 8.84
N TYR A 521 -23.63 -4.00 8.19
CA TYR A 521 -23.31 -2.78 8.92
C TYR A 521 -24.40 -2.44 9.92
N ALA A 522 -25.64 -2.83 9.62
CA ALA A 522 -26.74 -2.60 10.55
C ALA A 522 -26.65 -3.51 11.79
N GLN A 523 -25.91 -4.61 11.68
CA GLN A 523 -25.75 -5.56 12.79
C GLN A 523 -24.54 -5.25 13.65
N ARG A 524 -23.80 -4.19 13.31
CA ARG A 524 -22.48 -4.00 13.91
C ARG A 524 -22.51 -3.68 15.40
N ASN A 525 -23.67 -3.30 15.92
CA ASN A 525 -23.79 -3.01 17.35
C ASN A 525 -24.53 -4.12 18.11
N ASP A 526 -24.78 -5.24 17.44
CA ASP A 526 -25.42 -6.40 18.05
C ASP A 526 -24.41 -7.54 18.22
N PRO A 527 -23.94 -7.73 19.46
CA PRO A 527 -22.92 -8.73 19.75
C PRO A 527 -23.37 -10.18 19.56
N SER A 528 -24.65 -10.39 19.20
CA SER A 528 -25.15 -11.74 18.97
C SER A 528 -24.91 -12.19 17.54
N THR A 529 -24.50 -11.25 16.69
CA THR A 529 -24.22 -11.53 15.30
C THR A 529 -22.72 -11.59 15.05
N ALA A 530 -22.31 -12.30 14.00
CA ALA A 530 -20.90 -12.30 13.60
C ALA A 530 -20.41 -10.88 13.30
N ALA A 531 -21.26 -10.06 12.67
CA ALA A 531 -20.88 -8.70 12.33
C ALA A 531 -20.58 -7.89 13.60
N GLY A 532 -21.45 -7.99 14.59
CA GLY A 532 -21.29 -7.25 15.83
C GLY A 532 -20.10 -7.75 16.65
N GLN A 533 -19.86 -9.05 16.63
CA GLN A 533 -18.72 -9.61 17.36
C GLN A 533 -17.40 -9.15 16.74
N ILE A 534 -17.30 -9.24 15.41
CA ILE A 534 -16.12 -8.77 14.70
C ILE A 534 -15.91 -7.28 14.92
N TYR A 535 -16.96 -6.49 14.73
CA TYR A 535 -16.86 -5.05 14.88
C TYR A 535 -16.40 -4.65 16.29
N GLN A 536 -17.02 -5.24 17.31
CA GLN A 536 -16.68 -4.84 18.67
C GLN A 536 -15.27 -5.31 19.01
N ASP A 537 -14.88 -6.49 18.53
CA ASP A 537 -13.51 -6.98 18.71
C ASP A 537 -12.48 -6.03 18.09
N LEU A 538 -12.70 -5.68 16.84
CA LEU A 538 -11.76 -4.82 16.13
C LEU A 538 -11.75 -3.42 16.72
N ARG A 539 -12.94 -2.89 17.03
CA ARG A 539 -13.05 -1.55 17.57
C ARG A 539 -12.29 -1.47 18.88
N HIS A 540 -12.40 -2.52 19.69
CA HIS A 540 -11.70 -2.55 20.98
C HIS A 540 -10.19 -2.56 20.81
N MET A 541 -9.71 -3.37 19.87
CA MET A 541 -8.28 -3.47 19.62
C MET A 541 -7.75 -2.16 19.07
N ILE A 542 -8.55 -1.49 18.24
CA ILE A 542 -8.19 -0.17 17.72
C ILE A 542 -8.09 0.84 18.86
N ALA A 543 -9.06 0.82 19.77
CA ALA A 543 -9.09 1.77 20.87
C ALA A 543 -7.88 1.60 21.78
N VAL A 544 -7.56 0.36 22.12
CA VAL A 544 -6.38 0.04 22.92
C VAL A 544 -5.09 0.47 22.20
N ARG A 545 -4.96 0.12 20.93
CA ARG A 545 -3.78 0.53 20.15
C ARG A 545 -3.55 2.03 20.20
N GLN A 546 -4.62 2.77 19.95
CA GLN A 546 -4.52 4.22 19.83
C GLN A 546 -4.31 4.96 21.16
N SER A 547 -4.78 4.36 22.24
N SER A 547 -4.79 4.37 22.25
CA SER A 547 -4.70 5.00 23.57
CA SER A 547 -4.70 5.01 23.56
C SER A 547 -3.44 4.59 24.33
C SER A 547 -3.44 4.60 24.33
N ASN A 548 -2.98 3.37 24.10
CA ASN A 548 -1.90 2.80 24.90
C ASN A 548 -0.54 2.99 24.27
N PRO A 549 0.33 3.78 24.93
CA PRO A 549 1.63 4.17 24.39
C PRO A 549 2.59 3.00 24.20
N ARG A 550 2.32 1.87 24.85
CA ARG A 550 3.16 0.69 24.68
C ARG A 550 3.21 0.20 23.23
N PHE A 551 2.26 0.63 22.40
CA PHE A 551 2.22 0.21 20.99
C PHE A 551 2.95 1.18 20.05
N ASP A 552 3.47 2.27 20.59
CA ASP A 552 4.06 3.34 19.79
C ASP A 552 5.33 2.89 19.07
N GLY A 553 5.55 3.42 17.88
CA GLY A 553 6.77 3.15 17.13
C GLY A 553 6.67 1.86 16.31
N GLY A 554 7.72 1.51 15.57
CA GLY A 554 7.65 0.38 14.67
C GLY A 554 8.48 -0.83 15.08
N ARG A 555 9.14 -0.75 16.23
CA ARG A 555 10.13 -1.78 16.59
C ARG A 555 9.54 -2.88 17.47
N LEU A 556 10.06 -4.09 17.29
CA LEU A 556 9.63 -5.19 18.14
C LEU A 556 10.79 -6.15 18.36
N VAL A 557 10.66 -6.93 19.43
CA VAL A 557 11.57 -8.03 19.72
C VAL A 557 10.73 -9.28 19.87
N THR A 558 11.06 -10.36 19.18
CA THR A 558 10.22 -11.54 19.29
C THR A 558 10.51 -12.24 20.61
N PHE A 559 9.52 -13.01 21.05
CA PHE A 559 9.59 -13.78 22.28
C PHE A 559 9.45 -15.25 21.91
N ASN A 560 10.42 -16.08 22.30
N ASN A 560 10.42 -16.07 22.30
CA ASN A 560 10.36 -17.51 22.01
CA ASN A 560 10.35 -17.50 22.05
C ASN A 560 9.36 -18.21 22.93
C ASN A 560 9.32 -18.14 22.97
N THR A 561 8.21 -18.58 22.39
CA THR A 561 7.15 -19.19 23.19
C THR A 561 7.42 -20.66 23.49
N ASN A 562 8.35 -21.26 22.75
CA ASN A 562 8.61 -22.71 22.83
C ASN A 562 7.36 -23.55 22.56
N ASN A 563 6.43 -22.96 21.81
CA ASN A 563 5.26 -23.69 21.34
C ASN A 563 5.06 -23.31 19.88
N LYS A 564 5.21 -24.29 19.00
CA LYS A 564 5.21 -24.00 17.56
C LYS A 564 3.88 -23.41 17.05
N HIS A 565 2.85 -23.41 17.89
CA HIS A 565 1.54 -22.90 17.50
C HIS A 565 1.29 -21.48 17.99
N ILE A 566 2.19 -20.95 18.81
CA ILE A 566 1.94 -19.65 19.43
C ILE A 566 3.02 -18.63 19.07
N ILE A 567 2.61 -17.49 18.51
CA ILE A 567 3.55 -16.42 18.20
C ILE A 567 3.67 -15.51 19.42
N GLY A 568 4.86 -14.97 19.63
CA GLY A 568 5.10 -14.07 20.73
C GLY A 568 6.04 -12.94 20.35
N TYR A 569 5.74 -11.73 20.81
CA TYR A 569 6.65 -10.60 20.60
C TYR A 569 6.41 -9.53 21.65
N ILE A 570 7.39 -8.65 21.84
CA ILE A 570 7.30 -7.63 22.87
C ILE A 570 7.47 -6.26 22.24
N ARG A 571 6.56 -5.34 22.58
CA ARG A 571 6.65 -3.94 22.13
C ARG A 571 7.13 -3.04 23.26
N ASN A 572 8.11 -2.18 22.96
CA ASN A 572 8.63 -1.21 23.91
C ASN A 572 8.97 -1.81 25.29
N ASN A 573 9.35 -3.07 25.29
CA ASN A 573 9.76 -3.75 26.50
C ASN A 573 8.68 -3.71 27.58
N ALA A 574 7.42 -3.59 27.16
CA ALA A 574 6.32 -3.33 28.09
C ALA A 574 5.02 -4.07 27.74
N LEU A 575 4.93 -4.60 26.52
CA LEU A 575 3.71 -5.25 26.06
C LEU A 575 4.06 -6.57 25.44
N LEU A 576 3.62 -7.65 26.07
CA LEU A 576 3.89 -9.00 25.59
C LEU A 576 2.65 -9.51 24.89
N ALA A 577 2.77 -9.78 23.59
CA ALA A 577 1.64 -10.26 22.80
C ALA A 577 1.77 -11.74 22.50
N PHE A 578 0.72 -12.50 22.77
CA PHE A 578 0.65 -13.90 22.37
C PHE A 578 -0.48 -14.11 21.39
N GLY A 579 -0.25 -14.92 20.37
CA GLY A 579 -1.32 -15.30 19.47
C GLY A 579 -1.31 -16.80 19.25
N ASN A 580 -2.41 -17.46 19.59
CA ASN A 580 -2.53 -18.91 19.37
C ASN A 580 -3.06 -19.16 17.96
N PHE A 581 -2.23 -19.74 17.11
CA PHE A 581 -2.71 -20.01 15.76
C PHE A 581 -3.30 -21.40 15.58
N SER A 582 -3.48 -22.11 16.70
CA SER A 582 -4.07 -23.44 16.68
C SER A 582 -5.55 -23.38 17.03
N GLU A 583 -6.33 -24.30 16.46
CA GLU A 583 -7.74 -24.40 16.82
C GLU A 583 -7.92 -25.23 18.10
N TYR A 584 -6.81 -25.59 18.73
CA TYR A 584 -6.86 -26.28 20.03
C TYR A 584 -6.19 -25.42 21.11
N PRO A 585 -6.54 -25.65 22.39
CA PRO A 585 -5.80 -24.97 23.46
C PRO A 585 -4.30 -25.19 23.35
N GLN A 586 -3.52 -24.16 23.62
CA GLN A 586 -2.07 -24.27 23.56
C GLN A 586 -1.46 -23.60 24.77
N THR A 587 -0.34 -24.13 25.23
CA THR A 587 0.25 -23.70 26.51
C THR A 587 1.65 -23.11 26.34
N VAL A 588 1.87 -21.97 26.98
CA VAL A 588 3.20 -21.43 27.19
C VAL A 588 3.55 -21.82 28.62
N THR A 589 4.70 -22.47 28.84
CA THR A 589 4.99 -23.00 30.18
C THR A 589 5.50 -21.96 31.16
N ALA A 590 5.37 -22.28 32.44
CA ALA A 590 5.94 -21.46 33.50
C ALA A 590 7.43 -21.26 33.27
N HIS A 591 8.11 -22.31 32.80
CA HIS A 591 9.54 -22.20 32.57
C HIS A 591 9.87 -21.15 31.50
N THR A 592 9.10 -21.13 30.41
CA THR A 592 9.27 -20.13 29.36
C THR A 592 9.02 -18.71 29.88
N LEU A 593 8.10 -18.59 30.83
CA LEU A 593 7.64 -17.30 31.33
C LEU A 593 8.42 -16.74 32.53
N GLN A 594 9.49 -17.43 32.92
CA GLN A 594 10.26 -17.11 34.14
C GLN A 594 10.70 -15.66 34.34
N ALA A 595 11.01 -14.98 33.26
CA ALA A 595 11.53 -13.63 33.33
C ALA A 595 10.43 -12.57 33.45
N MET A 596 9.18 -12.99 33.31
CA MET A 596 8.05 -12.08 33.27
C MET A 596 7.56 -11.81 34.68
N PRO A 597 6.85 -10.68 34.86
CA PRO A 597 6.24 -10.44 36.17
C PRO A 597 5.18 -11.51 36.49
N PHE A 598 4.97 -11.77 37.79
CA PHE A 598 4.07 -12.83 38.23
C PHE A 598 2.65 -12.63 37.71
N LYS A 599 2.23 -11.38 37.61
CA LYS A 599 0.90 -11.02 37.13
C LYS A 599 0.97 -9.92 36.07
N ALA A 600 0.08 -9.98 35.10
CA ALA A 600 0.01 -8.96 34.06
C ALA A 600 -1.42 -8.83 33.57
N HIS A 601 -1.84 -7.59 33.36
CA HIS A 601 -3.14 -7.28 32.81
C HIS A 601 -3.19 -7.60 31.32
N ASP A 602 -4.17 -8.39 30.90
CA ASP A 602 -4.42 -8.64 29.47
C ASP A 602 -5.39 -7.61 28.91
N LEU A 603 -4.91 -6.80 27.98
CA LEU A 603 -5.71 -5.72 27.40
C LEU A 603 -6.86 -6.23 26.53
N ILE A 604 -6.73 -7.47 26.06
CA ILE A 604 -7.71 -8.02 25.13
C ILE A 604 -8.96 -8.45 25.89
N GLY A 605 -8.78 -9.33 26.87
CA GLY A 605 -9.88 -9.89 27.63
C GLY A 605 -10.18 -9.16 28.92
N GLY A 606 -9.24 -8.35 29.38
CA GLY A 606 -9.47 -7.52 30.54
C GLY A 606 -9.12 -8.15 31.88
N LYS A 607 -8.72 -9.42 31.87
CA LYS A 607 -8.45 -10.09 33.12
C LYS A 607 -6.99 -9.93 33.52
N THR A 608 -6.72 -10.17 34.81
CA THR A 608 -5.35 -10.26 35.32
C THR A 608 -4.88 -11.70 35.11
N VAL A 609 -3.74 -11.84 34.45
CA VAL A 609 -3.21 -13.14 34.07
C VAL A 609 -1.98 -13.50 34.91
N SER A 610 -1.91 -14.74 35.38
CA SER A 610 -0.75 -15.21 36.15
C SER A 610 0.31 -15.74 35.20
N LEU A 611 1.53 -15.23 35.34
CA LEU A 611 2.59 -15.64 34.44
C LEU A 611 3.66 -16.44 35.18
N ASN A 612 3.42 -16.72 36.47
CA ASN A 612 4.33 -17.53 37.28
C ASN A 612 3.89 -18.99 37.31
N GLN A 613 3.19 -19.39 36.26
CA GLN A 613 2.67 -20.74 36.11
C GLN A 613 2.37 -20.92 34.63
N ASP A 614 2.01 -22.14 34.22
CA ASP A 614 1.63 -22.38 32.83
C ASP A 614 0.55 -21.40 32.40
N LEU A 615 0.67 -20.90 31.17
CA LEU A 615 -0.34 -20.05 30.58
C LEU A 615 -0.98 -20.80 29.42
N THR A 616 -2.27 -21.10 29.53
CA THR A 616 -2.93 -21.86 28.48
C THR A 616 -3.89 -20.97 27.72
N LEU A 617 -3.63 -20.84 26.41
CA LEU A 617 -4.46 -20.06 25.51
C LEU A 617 -5.56 -20.90 24.92
N GLN A 618 -6.78 -20.39 24.89
CA GLN A 618 -7.86 -21.09 24.23
C GLN A 618 -7.67 -20.99 22.70
N PRO A 619 -8.39 -21.81 21.91
CA PRO A 619 -8.25 -21.74 20.45
C PRO A 619 -8.27 -20.30 19.90
N TYR A 620 -7.23 -19.93 19.16
CA TYR A 620 -7.13 -18.62 18.49
C TYR A 620 -7.12 -17.40 19.42
N GLN A 621 -6.92 -17.63 20.72
CA GLN A 621 -6.90 -16.52 21.67
C GLN A 621 -5.70 -15.59 21.46
N VAL A 622 -5.94 -14.30 21.59
CA VAL A 622 -4.84 -13.33 21.59
C VAL A 622 -4.76 -12.65 22.96
N MET A 623 -3.55 -12.47 23.46
CA MET A 623 -3.33 -11.73 24.70
C MET A 623 -2.37 -10.60 24.44
N TRP A 624 -2.71 -9.44 25.00
CA TRP A 624 -1.83 -8.28 25.02
C TRP A 624 -1.50 -7.96 26.48
N LEU A 625 -0.37 -8.47 26.96
CA LEU A 625 -0.02 -8.40 28.39
C LEU A 625 0.84 -7.19 28.72
N GLU A 626 0.39 -6.38 29.65
CA GLU A 626 1.19 -5.25 30.11
C GLU A 626 2.22 -5.74 31.13
N ILE A 627 3.47 -5.86 30.68
CA ILE A 627 4.49 -6.42 31.55
C ILE A 627 5.37 -5.33 32.12
N ALA A 628 5.14 -4.10 31.67
CA ALA A 628 5.75 -2.93 32.31
C ALA A 628 4.80 -1.76 32.15
#